data_4LC3
#
_entry.id   4LC3
#
_cell.length_a   190.930
_cell.length_b   58.910
_cell.length_c   83.080
_cell.angle_alpha   90.000
_cell.angle_beta   97.390
_cell.angle_gamma   90.000
#
_symmetry.space_group_name_H-M   'C 1 2 1'
#
loop_
_entity.id
_entity.type
_entity.pdbx_description
1 polymer 'Putative UDP-4-amino-4-deoxy-l-arabinose--oxoglutarate aminotransferase'
2 non-polymer 'CITRIC ACID'
3 non-polymer 1,2-ETHANEDIOL
4 non-polymer GLYCEROL
5 water water
#
_entity_poly.entity_id   1
_entity_poly.type   'polypeptide(L)'
_entity_poly.pdbx_seq_one_letter_code
;MAHHHHHHMSQTTAPFLPFTRPEIDEETIQGVVEVLRSGWITTGPQCQKFEAALSEYCGGRPVRVFNSGTCTLEIGLRIA
GVGPGDEVITTPASWVSTSNVIIETGATPVFADIDPVTRNIDLDKLEQAITPRTKAIIPVFLSGLPVDMDRLYAIARAHK
LRVIEDAAQAFGSTWHGKRIGAIGDLVSFSFHANKNLTTIEGGALVLNNEDEAVLAQKYRLQGITRTGFDGMDCDVLGGK
YNLTDVAARVGLGQLPHLERFTAQRRALARAYFAAFDGGAAAKLGVGLPVAEFENGNWHMFLVTLPLERLTITRAEFMAQ
MKERGIGTGIHYPAIHLFTLYRARGFKEGMFPHAERYGASTVTLPLFTQMTEGDVRRVVDAVNQICEQYGK
;
_entity_poly.pdbx_strand_id   A,B
#
loop_
_chem_comp.id
_chem_comp.type
_chem_comp.name
_chem_comp.formula
CIT non-polymer 'CITRIC ACID' 'C6 H8 O7'
EDO non-polymer 1,2-ETHANEDIOL 'C2 H6 O2'
GOL non-polymer GLYCEROL 'C3 H8 O3'
#
# COMPACT_ATOMS: atom_id res chain seq x y z
N ALA A 14 -4.70 8.59 37.09
CA ALA A 14 -5.10 7.49 36.16
C ALA A 14 -4.40 7.65 34.82
N PRO A 15 -4.01 6.54 34.17
CA PRO A 15 -3.39 6.67 32.87
C PRO A 15 -4.42 7.11 31.82
N PHE A 16 -3.93 7.73 30.77
CA PHE A 16 -4.77 8.06 29.63
C PHE A 16 -5.42 6.80 29.05
N LEU A 17 -6.72 6.89 28.76
CA LEU A 17 -7.46 5.79 28.13
C LEU A 17 -7.77 6.12 26.67
N PRO A 18 -7.00 5.53 25.73
CA PRO A 18 -7.29 5.80 24.31
C PRO A 18 -8.58 5.14 23.89
N PHE A 19 -9.12 5.49 22.71
CA PHE A 19 -10.37 4.84 22.29
C PHE A 19 -10.15 3.46 21.67
N THR A 20 -8.93 3.17 21.27
CA THR A 20 -8.56 1.83 20.86
C THR A 20 -7.11 1.54 21.16
N ARG A 21 -6.79 0.24 21.22
CA ARG A 21 -5.43 -0.25 21.44
C ARG A 21 -5.41 -1.70 20.99
N PRO A 22 -4.39 -2.09 20.21
CA PRO A 22 -4.35 -3.51 19.79
C PRO A 22 -3.94 -4.44 20.94
N GLU A 23 -4.18 -5.73 20.75
CA GLU A 23 -3.78 -6.76 21.72
C GLU A 23 -2.95 -7.77 20.97
N ILE A 24 -1.62 -7.66 21.09
CA ILE A 24 -0.70 -8.51 20.32
C ILE A 24 0.14 -9.30 21.33
N ASP A 25 -0.01 -10.62 21.32
CA ASP A 25 0.64 -11.49 22.30
C ASP A 25 2.12 -11.77 21.98
N GLU A 26 2.82 -12.34 22.95
CA GLU A 26 4.25 -12.61 22.79
C GLU A 26 4.52 -13.68 21.72
N GLU A 27 3.59 -14.63 21.55
CA GLU A 27 3.73 -15.66 20.54
C GLU A 27 3.75 -15.00 19.14
N THR A 28 2.91 -13.99 18.95
CA THR A 28 2.83 -13.31 17.64
C THR A 28 4.06 -12.44 17.40
N ILE A 29 4.50 -11.76 18.45
CA ILE A 29 5.76 -10.99 18.39
C ILE A 29 6.94 -11.90 18.05
N GLN A 30 7.04 -13.05 18.70
CA GLN A 30 8.09 -14.04 18.35
C GLN A 30 8.00 -14.49 16.89
N GLY A 31 6.78 -14.68 16.39
CA GLY A 31 6.55 -15.01 15.01
C GLY A 31 7.10 -13.98 14.05
N VAL A 32 6.87 -12.70 14.37
CA VAL A 32 7.44 -11.63 13.58
C VAL A 32 8.97 -11.61 13.59
N VAL A 33 9.56 -11.82 14.77
CA VAL A 33 11.00 -11.96 14.91
C VAL A 33 11.52 -13.08 13.99
N GLU A 34 10.84 -14.22 13.99
CA GLU A 34 11.25 -15.35 13.14
C GLU A 34 11.22 -14.95 11.66
N VAL A 35 10.16 -14.28 11.24
CA VAL A 35 10.06 -13.83 9.85
C VAL A 35 11.23 -12.90 9.48
N LEU A 36 11.51 -11.91 10.34
CA LEU A 36 12.60 -10.98 10.05
C LEU A 36 13.96 -11.68 9.99
N ARG A 37 14.22 -12.59 10.93
CA ARG A 37 15.47 -13.36 10.92
C ARG A 37 15.58 -14.33 9.72
N SER A 38 14.45 -14.69 9.15
CA SER A 38 14.44 -15.64 8.03
C SER A 38 14.98 -15.00 6.75
N GLY A 39 14.85 -13.67 6.63
CA GLY A 39 15.15 -12.98 5.39
C GLY A 39 14.06 -13.01 4.31
N TRP A 40 12.99 -13.77 4.54
CA TRP A 40 11.82 -13.83 3.67
CA TRP A 40 11.83 -13.76 3.62
C TRP A 40 10.75 -12.92 4.30
N ILE A 41 10.82 -11.64 3.97
CA ILE A 41 10.05 -10.64 4.72
C ILE A 41 8.85 -10.09 3.97
N THR A 42 8.89 -10.05 2.65
CA THR A 42 7.67 -9.66 1.94
C THR A 42 6.90 -10.92 1.51
N THR A 43 5.96 -10.74 0.58
CA THR A 43 4.95 -11.73 0.30
C THR A 43 5.58 -13.11 0.08
N GLY A 44 5.13 -14.08 0.85
CA GLY A 44 5.71 -15.42 0.80
C GLY A 44 4.86 -16.45 1.52
N PRO A 45 5.50 -17.40 2.22
CA PRO A 45 4.73 -18.48 2.84
C PRO A 45 3.73 -18.04 3.92
N GLN A 46 4.00 -16.94 4.64
CA GLN A 46 3.06 -16.49 5.67
C GLN A 46 1.79 -15.98 5.01
N CYS A 47 1.92 -15.23 3.92
CA CYS A 47 0.74 -14.78 3.20
C CYS A 47 -0.08 -15.97 2.67
N GLN A 48 0.62 -16.98 2.13
CA GLN A 48 -0.07 -18.19 1.68
C GLN A 48 -0.87 -18.83 2.82
N LYS A 49 -0.24 -18.96 4.00
CA LYS A 49 -0.88 -19.58 5.15
C LYS A 49 -2.09 -18.73 5.61
N PHE A 50 -1.93 -17.41 5.55
CA PHE A 50 -3.00 -16.49 6.01
C PHE A 50 -4.18 -16.53 5.06
N GLU A 51 -3.91 -16.51 3.75
CA GLU A 51 -4.97 -16.69 2.76
C GLU A 51 -5.72 -18.01 2.96
N ALA A 52 -4.97 -19.09 3.22
CA ALA A 52 -5.62 -20.39 3.46
C ALA A 52 -6.53 -20.37 4.70
N ALA A 53 -6.05 -19.75 5.77
CA ALA A 53 -6.82 -19.67 7.03
C ALA A 53 -8.08 -18.85 6.84
N LEU A 54 -7.96 -17.74 6.11
CA LEU A 54 -9.12 -16.87 5.86
C LEU A 54 -10.09 -17.57 4.94
N SER A 55 -9.59 -18.30 3.96
CA SER A 55 -10.48 -19.05 3.07
C SER A 55 -11.28 -20.08 3.85
N GLU A 56 -10.61 -20.83 4.73
CA GLU A 56 -11.36 -21.81 5.53
CA GLU A 56 -11.29 -21.81 5.61
C GLU A 56 -12.37 -21.13 6.45
N TYR A 57 -12.00 -20.00 7.05
CA TYR A 57 -12.95 -19.21 7.85
C TYR A 57 -14.20 -18.87 7.03
N CYS A 58 -14.00 -18.54 5.76
CA CYS A 58 -15.08 -18.17 4.86
C CYS A 58 -15.77 -19.34 4.17
N GLY A 59 -15.60 -20.54 4.69
CA GLY A 59 -16.21 -21.74 4.09
C GLY A 59 -15.61 -22.23 2.78
N GLY A 60 -14.31 -21.99 2.60
CA GLY A 60 -13.59 -22.53 1.43
C GLY A 60 -13.58 -21.59 0.22
N ARG A 61 -14.15 -20.40 0.37
CA ARG A 61 -14.15 -19.41 -0.75
C ARG A 61 -12.75 -18.89 -0.98
N PRO A 62 -12.41 -18.54 -2.24
CA PRO A 62 -11.05 -18.00 -2.45
C PRO A 62 -10.91 -16.66 -1.77
N VAL A 63 -9.75 -16.47 -1.11
CA VAL A 63 -9.42 -15.20 -0.45
C VAL A 63 -8.04 -14.75 -0.89
N ARG A 64 -7.91 -13.44 -1.15
CA ARG A 64 -6.62 -12.84 -1.44
C ARG A 64 -6.38 -11.69 -0.49
N VAL A 65 -5.17 -11.61 0.06
CA VAL A 65 -4.82 -10.57 1.00
C VAL A 65 -3.99 -9.48 0.36
N PHE A 66 -4.11 -8.27 0.93
CA PHE A 66 -3.59 -7.04 0.36
C PHE A 66 -3.03 -6.15 1.47
N ASN A 67 -2.34 -5.07 1.09
CA ASN A 67 -1.79 -4.12 2.07
C ASN A 67 -2.76 -3.09 2.64
N SER A 68 -4.05 -3.16 2.28
CA SER A 68 -5.09 -2.41 3.00
C SER A 68 -6.45 -3.00 2.67
N GLY A 69 -7.46 -2.52 3.38
CA GLY A 69 -8.87 -2.80 3.09
C GLY A 69 -9.55 -1.71 2.26
N THR A 70 -8.74 -0.88 1.62
CA THR A 70 -9.22 0.11 0.67
C THR A 70 -9.06 -0.40 -0.77
N CYS A 71 -7.86 -0.88 -1.11
CA CYS A 71 -7.63 -1.40 -2.44
C CYS A 71 -8.54 -2.57 -2.76
N THR A 72 -8.91 -3.34 -1.74
CA THR A 72 -9.84 -4.47 -1.87
C THR A 72 -11.22 -4.03 -2.41
N LEU A 73 -11.69 -2.88 -1.91
CA LEU A 73 -12.91 -2.27 -2.42
C LEU A 73 -12.80 -1.92 -3.89
N GLU A 74 -11.72 -1.25 -4.24
CA GLU A 74 -11.51 -0.81 -5.62
C GLU A 74 -11.41 -2.02 -6.54
N ILE A 75 -10.62 -3.02 -6.15
CA ILE A 75 -10.44 -4.19 -6.94
C ILE A 75 -11.77 -4.97 -7.08
N GLY A 76 -12.54 -5.06 -6.00
CA GLY A 76 -13.90 -5.63 -6.10
C GLY A 76 -14.70 -4.97 -7.18
N LEU A 77 -14.72 -3.64 -7.19
CA LEU A 77 -15.43 -2.90 -8.24
C LEU A 77 -14.94 -3.25 -9.62
N ARG A 78 -13.62 -3.33 -9.79
CA ARG A 78 -13.06 -3.65 -11.09
C ARG A 78 -13.45 -5.06 -11.54
N ILE A 79 -13.43 -6.02 -10.62
CA ILE A 79 -13.87 -7.38 -10.90
C ILE A 79 -15.33 -7.40 -11.37
N ALA A 80 -16.14 -6.54 -10.76
CA ALA A 80 -17.55 -6.37 -11.13
C ALA A 80 -17.79 -5.58 -12.41
N GLY A 81 -16.71 -5.14 -13.07
CA GLY A 81 -16.80 -4.42 -14.35
C GLY A 81 -17.15 -2.95 -14.27
N VAL A 82 -16.98 -2.37 -13.09
CA VAL A 82 -17.35 -0.99 -12.85
C VAL A 82 -16.32 -0.03 -13.44
N GLY A 83 -16.82 0.96 -14.16
CA GLY A 83 -16.00 1.98 -14.78
C GLY A 83 -16.80 3.18 -15.24
N PRO A 84 -16.23 3.98 -16.16
CA PRO A 84 -16.91 5.21 -16.62
C PRO A 84 -18.35 4.98 -17.06
N GLY A 85 -19.24 5.86 -16.59
CA GLY A 85 -20.64 5.76 -16.93
C GLY A 85 -21.50 4.93 -15.99
N ASP A 86 -20.87 4.12 -15.15
CA ASP A 86 -21.59 3.31 -14.17
C ASP A 86 -21.78 4.10 -12.88
N GLU A 87 -22.84 3.76 -12.16
CA GLU A 87 -23.10 4.28 -10.84
C GLU A 87 -22.90 3.17 -9.81
N VAL A 88 -22.37 3.55 -8.64
CA VAL A 88 -22.22 2.65 -7.51
C VAL A 88 -22.84 3.36 -6.31
N ILE A 89 -23.76 2.70 -5.61
CA ILE A 89 -24.44 3.28 -4.45
C ILE A 89 -23.73 2.90 -3.14
N THR A 90 -23.50 3.92 -2.30
CA THR A 90 -22.97 3.70 -0.97
C THR A 90 -23.56 4.73 0.03
N THR A 91 -23.02 4.72 1.25
CA THR A 91 -23.45 5.56 2.36
C THR A 91 -22.49 6.73 2.57
N PRO A 92 -22.99 7.93 2.91
CA PRO A 92 -22.07 9.05 3.24
C PRO A 92 -21.47 8.93 4.64
N ALA A 93 -22.04 8.06 5.47
CA ALA A 93 -21.57 7.87 6.86
C ALA A 93 -20.58 6.73 6.88
N SER A 94 -19.38 7.07 6.40
CA SER A 94 -18.29 6.08 6.27
CA SER A 94 -18.30 6.08 6.22
C SER A 94 -16.99 6.82 6.07
N TRP A 95 -15.88 6.10 6.22
CA TRP A 95 -14.59 6.62 5.84
C TRP A 95 -14.59 6.95 4.36
N VAL A 96 -13.93 8.05 3.98
CA VAL A 96 -14.04 8.56 2.59
C VAL A 96 -13.54 7.56 1.55
N SER A 97 -12.70 6.59 1.92
CA SER A 97 -12.22 5.68 0.86
C SER A 97 -13.38 4.93 0.20
N THR A 98 -14.48 4.78 0.92
CA THR A 98 -15.60 3.97 0.47
C THR A 98 -16.16 4.53 -0.86
N SER A 99 -16.25 5.86 -0.96
CA SER A 99 -16.67 6.53 -2.19
C SER A 99 -15.49 6.95 -3.09
N ASN A 100 -14.32 7.24 -2.51
CA ASN A 100 -13.17 7.58 -3.35
C ASN A 100 -12.77 6.44 -4.28
N VAL A 101 -12.93 5.20 -3.83
CA VAL A 101 -12.60 4.07 -4.70
C VAL A 101 -13.53 4.02 -5.91
N ILE A 102 -14.77 4.49 -5.75
CA ILE A 102 -15.69 4.51 -6.88
C ILE A 102 -15.16 5.50 -7.92
N ILE A 103 -14.80 6.70 -7.46
CA ILE A 103 -14.20 7.69 -8.33
C ILE A 103 -12.93 7.18 -9.05
N GLU A 104 -12.08 6.45 -8.34
CA GLU A 104 -10.85 5.91 -8.91
C GLU A 104 -11.11 5.04 -10.13
N THR A 105 -12.22 4.32 -10.15
CA THR A 105 -12.56 3.46 -11.29
C THR A 105 -13.09 4.23 -12.51
N GLY A 106 -13.43 5.51 -12.31
CA GLY A 106 -14.08 6.31 -13.34
C GLY A 106 -15.60 6.36 -13.18
N ALA A 107 -16.14 5.53 -12.29
CA ALA A 107 -17.58 5.50 -12.06
C ALA A 107 -18.01 6.67 -11.21
N THR A 108 -19.31 6.79 -11.05
CA THR A 108 -19.95 7.87 -10.33
C THR A 108 -20.51 7.39 -8.99
N PRO A 109 -20.01 7.97 -7.88
CA PRO A 109 -20.61 7.62 -6.61
C PRO A 109 -21.99 8.21 -6.46
N VAL A 110 -22.89 7.38 -5.96
CA VAL A 110 -24.27 7.73 -5.62
C VAL A 110 -24.47 7.40 -4.15
N PHE A 111 -25.02 8.35 -3.40
CA PHE A 111 -25.28 8.12 -1.97
C PHE A 111 -26.75 7.82 -1.69
N ALA A 112 -26.95 7.04 -0.62
CA ALA A 112 -28.27 6.82 -0.03
C ALA A 112 -28.15 7.07 1.46
N ASP A 113 -29.20 7.64 2.03
CA ASP A 113 -29.15 8.03 3.45
C ASP A 113 -29.15 6.81 4.38
N ILE A 114 -28.73 7.06 5.62
CA ILE A 114 -28.75 6.06 6.64
C ILE A 114 -30.06 6.00 7.40
N ASP A 115 -30.25 4.85 8.06
CA ASP A 115 -31.23 4.64 9.10
C ASP A 115 -30.65 5.26 10.38
N PRO A 116 -31.33 6.22 10.97
CA PRO A 116 -30.72 6.85 12.17
C PRO A 116 -30.58 5.90 13.39
N VAL A 117 -31.32 4.81 13.43
CA VAL A 117 -31.24 3.89 14.56
C VAL A 117 -30.00 3.00 14.44
N THR A 118 -29.80 2.38 13.28
CA THR A 118 -28.66 1.48 13.12
C THR A 118 -27.37 2.20 12.67
N ARG A 119 -27.53 3.38 12.08
CA ARG A 119 -26.48 4.21 11.46
C ARG A 119 -25.90 3.62 10.18
N ASN A 120 -26.50 2.52 9.70
CA ASN A 120 -26.16 1.91 8.43
C ASN A 120 -27.08 2.43 7.33
N ILE A 121 -26.62 2.26 6.10
CA ILE A 121 -27.38 2.57 4.91
C ILE A 121 -28.81 2.00 5.01
N ASP A 122 -29.79 2.83 4.68
CA ASP A 122 -31.21 2.46 4.76
C ASP A 122 -31.51 1.74 3.45
N LEU A 123 -31.99 0.51 3.53
CA LEU A 123 -32.17 -0.32 2.34
C LEU A 123 -33.30 0.14 1.43
N ASP A 124 -34.30 0.80 1.99
CA ASP A 124 -35.32 1.44 1.13
C ASP A 124 -34.72 2.62 0.37
N LYS A 125 -33.89 3.43 1.04
CA LYS A 125 -33.22 4.54 0.37
C LYS A 125 -32.22 4.04 -0.68
N LEU A 126 -31.56 2.90 -0.40
CA LEU A 126 -30.70 2.28 -1.37
C LEU A 126 -31.50 1.90 -2.63
N GLU A 127 -32.63 1.21 -2.44
CA GLU A 127 -33.46 0.80 -3.58
C GLU A 127 -33.92 2.02 -4.40
N GLN A 128 -34.29 3.07 -3.69
CA GLN A 128 -34.77 4.29 -4.35
C GLN A 128 -33.69 5.01 -5.17
N ALA A 129 -32.42 4.75 -4.88
CA ALA A 129 -31.30 5.37 -5.57
C ALA A 129 -30.86 4.61 -6.84
N ILE A 130 -31.42 3.44 -7.07
CA ILE A 130 -31.06 2.63 -8.24
C ILE A 130 -31.61 3.30 -9.49
N THR A 131 -30.80 3.31 -10.54
CA THR A 131 -31.14 3.85 -11.85
C THR A 131 -30.69 2.83 -12.88
N PRO A 132 -30.97 3.06 -14.16
CA PRO A 132 -30.49 2.12 -15.19
C PRO A 132 -28.96 2.05 -15.32
N ARG A 133 -28.26 3.01 -14.69
CA ARG A 133 -26.81 3.06 -14.71
C ARG A 133 -26.14 2.35 -13.53
N THR A 134 -26.90 2.02 -12.50
CA THR A 134 -26.31 1.36 -11.33
C THR A 134 -25.73 0.00 -11.72
N LYS A 135 -24.50 -0.27 -11.29
CA LYS A 135 -23.87 -1.57 -11.57
C LYS A 135 -23.51 -2.30 -10.29
N ALA A 136 -23.26 -1.56 -9.19
CA ALA A 136 -22.86 -2.24 -7.94
C ALA A 136 -23.28 -1.43 -6.74
N ILE A 137 -23.27 -2.07 -5.57
CA ILE A 137 -23.60 -1.44 -4.29
C ILE A 137 -22.44 -1.72 -3.32
N ILE A 138 -22.06 -0.72 -2.53
CA ILE A 138 -21.11 -0.88 -1.42
C ILE A 138 -21.83 -0.55 -0.11
N PRO A 139 -22.47 -1.56 0.50
CA PRO A 139 -22.98 -1.32 1.85
C PRO A 139 -21.80 -1.27 2.83
N VAL A 140 -21.94 -0.49 3.89
CA VAL A 140 -20.91 -0.41 4.94
C VAL A 140 -21.54 -1.02 6.19
N PHE A 141 -20.78 -1.87 6.87
CA PHE A 141 -21.21 -2.43 8.17
C PHE A 141 -20.59 -1.58 9.26
N LEU A 142 -21.25 -0.48 9.58
CA LEU A 142 -20.64 0.49 10.47
C LEU A 142 -20.68 -0.05 11.91
N SER A 143 -19.55 0.10 12.61
CA SER A 143 -19.34 -0.50 13.96
CA SER A 143 -19.27 -0.49 13.92
C SER A 143 -19.20 -2.00 13.90
N GLY A 144 -19.15 -2.56 12.67
CA GLY A 144 -19.17 -3.99 12.49
C GLY A 144 -20.56 -4.62 12.46
N LEU A 145 -21.59 -3.80 12.47
CA LEU A 145 -22.99 -4.26 12.51
C LEU A 145 -23.45 -4.52 11.06
N PRO A 146 -23.81 -5.77 10.72
CA PRO A 146 -24.29 -5.99 9.35
C PRO A 146 -25.68 -5.36 9.10
N VAL A 147 -25.98 -5.07 7.85
CA VAL A 147 -27.35 -4.73 7.47
C VAL A 147 -28.16 -6.05 7.41
N ASP A 148 -29.46 -5.94 7.12
CA ASP A 148 -30.29 -7.11 6.85
C ASP A 148 -29.79 -7.77 5.58
N MET A 149 -29.02 -8.85 5.71
CA MET A 149 -28.30 -9.38 4.57
C MET A 149 -29.25 -10.06 3.60
N ASP A 150 -30.37 -10.57 4.11
CA ASP A 150 -31.32 -11.21 3.21
C ASP A 150 -31.97 -10.14 2.32
N ARG A 151 -32.35 -9.03 2.93
CA ARG A 151 -32.96 -7.94 2.17
C ARG A 151 -31.96 -7.35 1.18
N LEU A 152 -30.71 -7.14 1.62
CA LEU A 152 -29.66 -6.59 0.77
C LEU A 152 -29.53 -7.41 -0.52
N TYR A 153 -29.41 -8.71 -0.35
CA TYR A 153 -29.23 -9.58 -1.53
C TYR A 153 -30.51 -9.80 -2.36
N ALA A 154 -31.70 -9.70 -1.72
CA ALA A 154 -32.95 -9.69 -2.48
C ALA A 154 -32.97 -8.49 -3.44
N ILE A 155 -32.57 -7.32 -2.96
CA ILE A 155 -32.47 -6.14 -3.81
C ILE A 155 -31.45 -6.35 -4.92
N ALA A 156 -30.25 -6.81 -4.56
CA ALA A 156 -29.21 -7.01 -5.56
C ALA A 156 -29.64 -8.02 -6.65
N ARG A 157 -30.31 -9.09 -6.25
CA ARG A 157 -30.79 -10.12 -7.17
C ARG A 157 -31.85 -9.54 -8.09
N ALA A 158 -32.80 -8.81 -7.52
CA ALA A 158 -33.91 -8.25 -8.31
C ALA A 158 -33.45 -7.26 -9.37
N HIS A 159 -32.40 -6.49 -9.03
CA HIS A 159 -31.87 -5.48 -9.93
C HIS A 159 -30.60 -5.89 -10.68
N LYS A 160 -30.20 -7.14 -10.53
CA LYS A 160 -29.02 -7.68 -11.21
C LYS A 160 -27.77 -6.82 -10.95
N LEU A 161 -27.54 -6.53 -9.65
CA LEU A 161 -26.39 -5.72 -9.21
C LEU A 161 -25.37 -6.57 -8.48
N ARG A 162 -24.10 -6.22 -8.67
CA ARG A 162 -23.02 -6.80 -7.85
C ARG A 162 -22.95 -6.08 -6.53
N VAL A 163 -22.49 -6.80 -5.49
CA VAL A 163 -22.33 -6.22 -4.17
C VAL A 163 -20.87 -6.38 -3.76
N ILE A 164 -20.25 -5.27 -3.38
CA ILE A 164 -18.90 -5.29 -2.81
C ILE A 164 -19.15 -4.82 -1.37
N GLU A 165 -19.16 -5.78 -0.43
CA GLU A 165 -19.48 -5.45 0.96
C GLU A 165 -18.29 -4.76 1.60
N ASP A 166 -18.50 -3.55 2.09
CA ASP A 166 -17.48 -2.92 2.91
C ASP A 166 -17.58 -3.39 4.37
N ALA A 167 -17.00 -4.56 4.57
CA ALA A 167 -16.91 -5.24 5.85
C ALA A 167 -15.58 -4.93 6.53
N ALA A 168 -15.00 -3.76 6.22
CA ALA A 168 -13.75 -3.30 6.83
C ALA A 168 -13.72 -3.60 8.33
N GLN A 169 -14.81 -3.25 9.01
CA GLN A 169 -14.95 -3.32 10.47
C GLN A 169 -15.56 -4.59 11.01
N ALA A 170 -15.94 -5.51 10.11
CA ALA A 170 -16.86 -6.62 10.44
C ALA A 170 -16.24 -8.01 10.42
N PHE A 171 -14.91 -8.11 10.56
CA PHE A 171 -14.30 -9.42 10.67
C PHE A 171 -14.69 -10.03 12.03
N GLY A 172 -15.38 -11.17 11.98
CA GLY A 172 -15.97 -11.79 13.15
C GLY A 172 -17.47 -11.57 13.33
N SER A 173 -18.03 -10.62 12.57
CA SER A 173 -19.49 -10.42 12.60
C SER A 173 -20.20 -11.57 11.90
N THR A 174 -21.43 -11.80 12.31
CA THR A 174 -22.30 -12.80 11.69
C THR A 174 -23.67 -12.18 11.38
N TRP A 175 -24.44 -12.89 10.56
CA TRP A 175 -25.83 -12.53 10.30
C TRP A 175 -26.62 -13.83 10.40
N HIS A 176 -27.46 -13.88 11.42
CA HIS A 176 -28.28 -15.03 11.72
C HIS A 176 -27.48 -16.35 11.66
N GLY A 177 -26.29 -16.30 12.25
CA GLY A 177 -25.50 -17.49 12.51
C GLY A 177 -24.43 -17.77 11.47
N LYS A 178 -24.42 -17.04 10.34
CA LYS A 178 -23.42 -17.22 9.28
C LYS A 178 -22.43 -16.03 9.28
N ARG A 179 -21.18 -16.33 9.02
CA ARG A 179 -20.14 -15.34 9.04
C ARG A 179 -20.22 -14.38 7.88
N ILE A 180 -20.08 -13.09 8.19
CA ILE A 180 -19.69 -12.13 7.16
C ILE A 180 -18.36 -12.63 6.55
N GLY A 181 -18.32 -12.71 5.22
CA GLY A 181 -17.25 -13.36 4.48
C GLY A 181 -17.68 -14.70 3.87
N ALA A 182 -18.48 -15.48 4.61
CA ALA A 182 -19.03 -16.77 4.14
C ALA A 182 -20.31 -16.64 3.34
N ILE A 183 -20.94 -15.47 3.45
CA ILE A 183 -22.12 -15.18 2.67
C ILE A 183 -21.86 -14.02 1.74
N GLY A 184 -22.75 -13.85 0.79
CA GLY A 184 -22.71 -12.71 -0.08
C GLY A 184 -21.81 -12.86 -1.30
N ASP A 185 -21.58 -11.71 -1.93
CA ASP A 185 -20.88 -11.59 -3.21
C ASP A 185 -19.39 -11.33 -2.94
N LEU A 186 -18.91 -10.13 -3.20
CA LEU A 186 -17.51 -9.80 -2.98
C LEU A 186 -17.41 -9.17 -1.62
N VAL A 187 -16.51 -9.65 -0.75
CA VAL A 187 -16.47 -9.19 0.65
C VAL A 187 -15.09 -8.64 0.98
N SER A 188 -15.05 -7.37 1.43
CA SER A 188 -13.79 -6.67 1.72
C SER A 188 -13.64 -6.49 3.24
N PHE A 189 -12.48 -6.95 3.77
CA PHE A 189 -12.09 -6.75 5.16
C PHE A 189 -10.86 -5.88 5.27
N SER A 190 -10.77 -5.13 6.38
CA SER A 190 -9.56 -4.39 6.75
C SER A 190 -8.95 -5.03 7.99
N PHE A 191 -7.61 -5.02 8.03
CA PHE A 191 -6.83 -5.43 9.19
C PHE A 191 -5.96 -4.27 9.71
N HIS A 192 -6.43 -3.04 9.55
CA HIS A 192 -5.79 -1.88 10.18
C HIS A 192 -5.62 -2.10 11.68
N ALA A 193 -4.62 -1.44 12.25
CA ALA A 193 -4.31 -1.53 13.68
C ALA A 193 -5.51 -1.41 14.60
N ASN A 194 -6.46 -0.57 14.21
CA ASN A 194 -7.63 -0.29 15.04
C ASN A 194 -8.76 -1.33 14.91
N LYS A 195 -8.65 -2.24 13.95
CA LYS A 195 -9.70 -3.22 13.70
C LYS A 195 -9.66 -4.36 14.71
N ASN A 196 -10.73 -5.15 14.72
CA ASN A 196 -10.86 -6.23 15.72
C ASN A 196 -9.81 -7.32 15.58
N LEU A 197 -9.28 -7.45 14.38
CA LEU A 197 -8.13 -8.34 14.07
C LEU A 197 -7.22 -7.51 13.20
N THR A 198 -5.92 -7.47 13.55
CA THR A 198 -4.98 -6.61 12.81
C THR A 198 -3.82 -7.37 12.15
N THR A 199 -3.31 -6.78 11.07
CA THR A 199 -2.03 -7.16 10.46
C THR A 199 -1.13 -5.93 10.42
N ILE A 200 -1.34 -4.98 11.33
CA ILE A 200 -0.69 -3.66 11.35
C ILE A 200 -1.41 -2.72 10.35
N GLU A 201 -1.27 -3.02 9.06
CA GLU A 201 -2.15 -2.52 8.00
C GLU A 201 -2.33 -3.70 7.07
N GLY A 202 -3.50 -3.79 6.48
CA GLY A 202 -3.77 -4.87 5.54
C GLY A 202 -5.25 -5.00 5.27
N GLY A 203 -5.57 -5.93 4.40
CA GLY A 203 -6.95 -6.27 4.11
C GLY A 203 -7.08 -7.58 3.37
N ALA A 204 -8.31 -7.97 3.09
CA ALA A 204 -8.59 -9.15 2.30
C ALA A 204 -9.83 -8.93 1.43
N LEU A 205 -9.84 -9.61 0.30
CA LEU A 205 -11.01 -9.70 -0.57
C LEU A 205 -11.40 -11.16 -0.72
N VAL A 206 -12.68 -11.43 -0.44
CA VAL A 206 -13.27 -12.76 -0.62
C VAL A 206 -13.99 -12.81 -1.96
N LEU A 207 -13.63 -13.81 -2.76
CA LEU A 207 -14.14 -13.96 -4.13
C LEU A 207 -15.16 -15.08 -4.23
N ASN A 208 -15.85 -15.15 -5.38
CA ASN A 208 -16.79 -16.26 -5.63
C ASN A 208 -16.15 -17.49 -6.24
N ASN A 209 -15.08 -17.29 -7.00
CA ASN A 209 -14.48 -18.34 -7.76
C ASN A 209 -13.02 -18.05 -8.10
N GLU A 210 -12.35 -19.05 -8.65
CA GLU A 210 -10.92 -18.95 -8.90
C GLU A 210 -10.59 -17.97 -10.02
N ASP A 211 -11.48 -17.82 -10.99
CA ASP A 211 -11.24 -16.83 -12.04
C ASP A 211 -11.19 -15.40 -11.47
N GLU A 212 -12.12 -15.09 -10.56
CA GLU A 212 -12.08 -13.79 -9.90
C GLU A 212 -10.82 -13.65 -9.06
N ALA A 213 -10.36 -14.73 -8.42
CA ALA A 213 -9.15 -14.65 -7.61
C ALA A 213 -7.92 -14.37 -8.45
N VAL A 214 -7.84 -14.97 -9.63
CA VAL A 214 -6.72 -14.71 -10.54
C VAL A 214 -6.72 -13.23 -10.97
N LEU A 215 -7.90 -12.70 -11.31
CA LEU A 215 -7.98 -11.30 -11.66
C LEU A 215 -7.56 -10.43 -10.47
N ALA A 216 -8.02 -10.78 -9.26
CA ALA A 216 -7.63 -10.07 -8.04
C ALA A 216 -6.10 -10.04 -7.89
N GLN A 217 -5.47 -11.19 -8.09
CA GLN A 217 -3.98 -11.28 -8.04
C GLN A 217 -3.28 -10.41 -9.02
N LYS A 218 -3.82 -10.32 -10.23
CA LYS A 218 -3.26 -9.45 -11.25
C LYS A 218 -3.36 -7.99 -10.83
N TYR A 219 -4.52 -7.57 -10.36
CA TYR A 219 -4.68 -6.18 -9.90
C TYR A 219 -3.78 -5.87 -8.69
N ARG A 220 -3.51 -6.89 -7.87
CA ARG A 220 -2.69 -6.74 -6.65
C ARG A 220 -1.28 -6.22 -6.93
N LEU A 221 -0.68 -6.63 -8.04
CA LEU A 221 0.71 -6.30 -8.33
C LEU A 221 0.95 -6.10 -9.83
N GLN A 222 0.55 -4.92 -10.28
CA GLN A 222 0.92 -4.36 -11.60
C GLN A 222 0.39 -5.13 -12.83
N GLY A 223 -0.54 -6.06 -12.62
CA GLY A 223 -1.06 -6.85 -13.74
C GLY A 223 -0.06 -7.86 -14.24
N ILE A 224 0.98 -8.14 -13.45
CA ILE A 224 2.09 -8.99 -13.87
C ILE A 224 1.82 -10.46 -13.59
N THR A 225 2.02 -11.29 -14.61
CA THR A 225 2.10 -12.74 -14.38
C THR A 225 3.49 -13.20 -14.77
N ARG A 226 4.12 -13.97 -13.89
CA ARG A 226 5.43 -14.59 -14.15
C ARG A 226 5.24 -16.08 -14.46
N THR A 227 5.98 -16.57 -15.45
CA THR A 227 5.95 -17.99 -15.78
C THR A 227 7.37 -18.50 -16.02
N GLY A 228 7.71 -19.61 -15.39
CA GLY A 228 9.05 -20.19 -15.52
C GLY A 228 10.15 -19.23 -15.09
N PHE A 229 11.34 -19.42 -15.65
CA PHE A 229 12.50 -18.62 -15.24
C PHE A 229 12.47 -17.19 -15.80
N ASP A 230 11.92 -17.00 -16.99
CA ASP A 230 11.99 -15.69 -17.64
C ASP A 230 10.74 -15.20 -18.33
N GLY A 231 9.62 -15.88 -18.13
CA GLY A 231 8.36 -15.43 -18.68
C GLY A 231 7.73 -14.34 -17.81
N MET A 232 7.26 -13.29 -18.47
CA MET A 232 6.61 -12.18 -17.82
C MET A 232 5.64 -11.50 -18.79
N ASP A 233 4.44 -11.19 -18.32
CA ASP A 233 3.52 -10.39 -19.12
C ASP A 233 2.67 -9.53 -18.18
N CYS A 234 2.15 -8.44 -18.74
CA CYS A 234 1.22 -7.57 -18.08
C CYS A 234 0.00 -7.43 -18.99
N ASP A 235 -1.17 -7.79 -18.48
CA ASP A 235 -2.43 -7.69 -19.24
C ASP A 235 -3.54 -6.87 -18.59
N VAL A 236 -3.23 -6.29 -17.44
CA VAL A 236 -4.16 -5.54 -16.60
CA VAL A 236 -4.17 -5.39 -16.78
C VAL A 236 -3.38 -4.35 -16.01
N LEU A 237 -4.03 -3.20 -15.84
CA LEU A 237 -3.38 -2.07 -15.17
C LEU A 237 -3.56 -2.25 -13.66
N GLY A 238 -2.67 -3.06 -13.12
CA GLY A 238 -2.68 -3.35 -11.68
C GLY A 238 -1.94 -2.27 -10.89
N GLY A 239 -2.04 -2.39 -9.57
CA GLY A 239 -1.37 -1.45 -8.65
C GLY A 239 -0.33 -2.12 -7.78
N LYS A 240 -0.03 -1.51 -6.65
CA LYS A 240 1.01 -1.98 -5.74
C LYS A 240 0.38 -2.30 -4.37
N TYR A 241 -0.13 -3.52 -4.23
CA TYR A 241 -1.05 -3.85 -3.15
C TYR A 241 -0.76 -5.14 -2.40
N ASN A 242 0.42 -5.75 -2.61
CA ASN A 242 0.72 -7.00 -1.94
C ASN A 242 1.01 -6.78 -0.45
N LEU A 243 0.75 -7.81 0.36
CA LEU A 243 0.95 -7.76 1.80
C LEU A 243 2.30 -8.39 2.16
N THR A 244 2.97 -7.82 3.16
CA THR A 244 4.23 -8.43 3.60
C THR A 244 4.00 -9.70 4.45
N ASP A 245 5.00 -10.57 4.52
CA ASP A 245 4.92 -11.71 5.42
C ASP A 245 4.99 -11.31 6.88
N VAL A 246 5.65 -10.20 7.18
CA VAL A 246 5.64 -9.68 8.56
C VAL A 246 4.18 -9.41 9.00
N ALA A 247 3.45 -8.69 8.16
CA ALA A 247 2.04 -8.38 8.42
C ALA A 247 1.19 -9.64 8.47
N ALA A 248 1.36 -10.55 7.49
CA ALA A 248 0.57 -11.78 7.51
C ALA A 248 0.77 -12.61 8.75
N ARG A 249 2.01 -12.61 9.29
CA ARG A 249 2.29 -13.35 10.49
C ARG A 249 1.54 -12.77 11.70
N VAL A 250 1.39 -11.44 11.73
CA VAL A 250 0.60 -10.82 12.77
C VAL A 250 -0.87 -11.30 12.67
N GLY A 251 -1.42 -11.28 11.45
CA GLY A 251 -2.78 -11.79 11.24
C GLY A 251 -2.95 -13.23 11.71
N LEU A 252 -1.99 -14.09 11.36
CA LEU A 252 -2.06 -15.48 11.77
C LEU A 252 -2.05 -15.63 13.30
N GLY A 253 -1.32 -14.75 13.96
CA GLY A 253 -1.27 -14.74 15.42
C GLY A 253 -2.54 -14.22 16.11
N GLN A 254 -3.24 -13.34 15.41
CA GLN A 254 -4.49 -12.78 15.89
C GLN A 254 -5.67 -13.76 15.76
N LEU A 255 -5.69 -14.53 14.68
CA LEU A 255 -6.84 -15.38 14.37
C LEU A 255 -7.32 -16.28 15.50
N PRO A 256 -6.39 -16.95 16.22
CA PRO A 256 -6.92 -17.83 17.26
C PRO A 256 -7.64 -17.11 18.41
N HIS A 257 -7.44 -15.80 18.51
CA HIS A 257 -8.08 -15.00 19.52
C HIS A 257 -9.43 -14.40 19.08
N LEU A 258 -9.84 -14.58 17.83
CA LEU A 258 -11.02 -13.87 17.31
C LEU A 258 -12.27 -14.06 18.15
N GLU A 259 -12.57 -15.30 18.50
CA GLU A 259 -13.77 -15.59 19.28
C GLU A 259 -13.74 -14.87 20.61
N ARG A 260 -12.59 -14.95 21.28
CA ARG A 260 -12.44 -14.33 22.60
C ARG A 260 -12.54 -12.80 22.49
N PHE A 261 -11.87 -12.23 21.51
CA PHE A 261 -11.95 -10.77 21.29
C PHE A 261 -13.41 -10.33 21.10
N THR A 262 -14.15 -11.04 20.27
CA THR A 262 -15.55 -10.68 20.01
C THR A 262 -16.39 -10.77 21.30
N ALA A 263 -16.18 -11.82 22.07
CA ALA A 263 -16.87 -11.97 23.35
C ALA A 263 -16.52 -10.84 24.32
N GLN A 264 -15.24 -10.52 24.38
CA GLN A 264 -14.80 -9.42 25.25
C GLN A 264 -15.50 -8.09 24.90
N ARG A 265 -15.57 -7.82 23.60
CA ARG A 265 -16.18 -6.61 23.13
C ARG A 265 -17.70 -6.57 23.38
N ARG A 266 -18.37 -7.71 23.23
CA ARG A 266 -19.79 -7.79 23.57
C ARG A 266 -20.00 -7.55 25.07
N ALA A 267 -19.10 -8.07 25.90
CA ALA A 267 -19.24 -7.86 27.35
C ALA A 267 -19.05 -6.40 27.69
N LEU A 268 -18.11 -5.74 27.03
CA LEU A 268 -17.88 -4.32 27.27
C LEU A 268 -19.08 -3.49 26.81
N ALA A 269 -19.66 -3.85 25.67
CA ALA A 269 -20.83 -3.14 25.19
C ALA A 269 -22.00 -3.30 26.19
N ARG A 270 -22.22 -4.50 26.70
CA ARG A 270 -23.25 -4.71 27.71
CA ARG A 270 -23.25 -4.71 27.71
C ARG A 270 -22.98 -3.83 28.91
N ALA A 271 -21.70 -3.74 29.29
CA ALA A 271 -21.32 -2.91 30.45
C ALA A 271 -21.61 -1.42 30.21
N TYR A 272 -21.38 -0.96 29.00
CA TYR A 272 -21.76 0.40 28.63
C TYR A 272 -23.25 0.68 28.80
N PHE A 273 -24.11 -0.19 28.27
CA PHE A 273 -25.55 0.03 28.41
C PHE A 273 -25.94 0.05 29.88
N ALA A 274 -25.40 -0.88 30.65
CA ALA A 274 -25.73 -0.94 32.08
C ALA A 274 -25.28 0.34 32.82
N ALA A 275 -24.09 0.82 32.48
CA ALA A 275 -23.56 2.02 33.11
C ALA A 275 -24.29 3.30 32.72
N PHE A 276 -24.65 3.44 31.43
CA PHE A 276 -25.40 4.64 30.96
C PHE A 276 -26.82 4.76 31.55
N ASP A 277 -27.46 3.61 31.84
CA ASP A 277 -28.85 3.59 32.26
C ASP A 277 -29.11 4.50 33.46
N GLY A 278 -30.05 5.42 33.26
CA GLY A 278 -30.53 6.32 34.31
C GLY A 278 -29.70 7.57 34.59
N GLY A 279 -28.58 7.75 33.89
CA GLY A 279 -27.67 8.85 34.13
C GLY A 279 -27.98 10.13 33.38
N ALA A 280 -27.17 11.14 33.66
CA ALA A 280 -27.34 12.48 33.11
C ALA A 280 -27.19 12.53 31.60
N ALA A 281 -26.26 11.73 31.06
CA ALA A 281 -26.10 11.65 29.61
C ALA A 281 -27.32 11.08 28.92
N ALA A 282 -27.80 9.95 29.42
CA ALA A 282 -29.02 9.36 28.88
C ALA A 282 -30.20 10.33 28.96
N LYS A 283 -30.35 11.00 30.09
CA LYS A 283 -31.45 11.95 30.29
C LYS A 283 -31.38 13.13 29.33
N LEU A 284 -30.16 13.61 29.06
CA LEU A 284 -29.97 14.77 28.19
C LEU A 284 -30.24 14.40 26.73
N GLY A 285 -30.09 13.14 26.38
CA GLY A 285 -30.36 12.67 25.02
C GLY A 285 -29.16 12.17 24.25
N VAL A 286 -28.10 11.74 24.93
CA VAL A 286 -27.00 11.05 24.24
C VAL A 286 -27.60 9.77 23.62
N GLY A 287 -27.34 9.59 22.32
CA GLY A 287 -27.96 8.51 21.55
C GLY A 287 -27.05 7.29 21.49
N LEU A 288 -27.55 6.18 21.96
CA LEU A 288 -26.74 4.97 22.08
C LEU A 288 -26.94 4.07 20.86
N PRO A 289 -25.93 3.23 20.57
CA PRO A 289 -26.10 2.24 19.49
C PRO A 289 -27.14 1.17 19.84
N VAL A 290 -27.58 0.42 18.85
CA VAL A 290 -28.50 -0.69 19.07
C VAL A 290 -27.90 -1.70 20.05
N ALA A 291 -28.68 -2.11 21.03
CA ALA A 291 -28.25 -3.10 22.01
C ALA A 291 -28.58 -4.49 21.51
N GLU A 292 -27.71 -5.01 20.68
CA GLU A 292 -27.80 -6.38 20.19
C GLU A 292 -26.43 -7.01 20.31
N PHE A 293 -26.43 -8.32 20.58
CA PHE A 293 -25.22 -9.06 20.96
C PHE A 293 -25.06 -10.37 20.20
N GLU A 294 -25.74 -10.50 19.06
CA GLU A 294 -25.68 -11.73 18.26
C GLU A 294 -24.94 -11.58 16.94
N ASN A 295 -25.08 -10.44 16.27
CA ASN A 295 -24.58 -10.29 14.90
C ASN A 295 -23.30 -9.45 14.82
N GLY A 296 -23.35 -8.23 15.33
CA GLY A 296 -22.22 -7.31 15.25
C GLY A 296 -21.05 -7.79 16.10
N ASN A 297 -19.85 -7.40 15.68
CA ASN A 297 -18.62 -7.72 16.43
C ASN A 297 -18.17 -6.60 17.39
N TRP A 298 -19.00 -5.55 17.54
CA TRP A 298 -18.71 -4.44 18.48
C TRP A 298 -17.30 -3.90 18.29
N HIS A 299 -17.05 -3.55 17.03
CA HIS A 299 -15.79 -2.88 16.68
C HIS A 299 -15.66 -1.48 17.33
N MET A 300 -16.75 -0.71 17.36
CA MET A 300 -16.77 0.60 18.04
C MET A 300 -18.04 0.77 18.83
N PHE A 301 -17.98 1.69 19.79
CA PHE A 301 -19.15 2.13 20.57
C PHE A 301 -19.42 3.58 20.20
N LEU A 302 -20.39 3.78 19.32
CA LEU A 302 -20.68 5.07 18.71
C LEU A 302 -21.89 5.70 19.38
N VAL A 303 -21.72 6.92 19.90
CA VAL A 303 -22.84 7.65 20.46
C VAL A 303 -23.05 8.96 19.71
N THR A 304 -24.25 9.52 19.83
CA THR A 304 -24.55 10.85 19.29
C THR A 304 -24.81 11.85 20.42
N LEU A 305 -24.19 13.01 20.31
CA LEU A 305 -24.45 14.09 21.26
C LEU A 305 -25.72 14.82 20.88
N PRO A 306 -26.51 15.25 21.88
CA PRO A 306 -27.71 16.05 21.64
C PRO A 306 -27.28 17.51 21.56
N LEU A 307 -26.80 17.92 20.38
CA LEU A 307 -26.15 19.22 20.25
C LEU A 307 -27.07 20.38 20.65
N GLU A 308 -28.36 20.25 20.32
CA GLU A 308 -29.31 21.30 20.63
C GLU A 308 -29.56 21.46 22.13
N ARG A 309 -29.20 20.43 22.91
CA ARG A 309 -29.35 20.44 24.37
C ARG A 309 -28.02 20.64 25.10
N LEU A 310 -26.96 21.02 24.36
CA LEU A 310 -25.64 21.28 24.96
C LEU A 310 -25.21 22.74 24.75
N THR A 311 -24.54 23.32 25.76
CA THR A 311 -23.94 24.65 25.65
C THR A 311 -22.50 24.66 25.15
N ILE A 312 -22.04 23.48 24.70
CA ILE A 312 -20.71 23.28 24.13
C ILE A 312 -20.84 22.59 22.79
N THR A 313 -19.85 22.78 21.95
CA THR A 313 -19.77 22.08 20.68
C THR A 313 -19.31 20.63 20.88
N ARG A 314 -19.43 19.83 19.83
CA ARG A 314 -18.83 18.48 19.86
C ARG A 314 -17.30 18.54 20.15
N ALA A 315 -16.61 19.48 19.50
CA ALA A 315 -15.18 19.62 19.70
C ALA A 315 -14.87 19.90 21.14
N GLU A 316 -15.63 20.79 21.75
CA GLU A 316 -15.44 21.08 23.18
C GLU A 316 -15.76 19.87 24.05
N PHE A 317 -16.81 19.12 23.71
CA PHE A 317 -17.15 17.89 24.42
CA PHE A 317 -17.14 17.89 24.43
C PHE A 317 -15.94 16.94 24.41
N MET A 318 -15.34 16.78 23.23
CA MET A 318 -14.18 15.89 23.08
C MET A 318 -12.99 16.41 23.87
N ALA A 319 -12.80 17.73 23.87
CA ALA A 319 -11.77 18.33 24.70
C ALA A 319 -11.99 18.08 26.18
N GLN A 320 -13.24 18.15 26.61
CA GLN A 320 -13.57 17.89 28.01
C GLN A 320 -13.32 16.41 28.37
N MET A 321 -13.56 15.49 27.42
CA MET A 321 -13.24 14.07 27.64
C MET A 321 -11.72 13.91 27.79
N LYS A 322 -10.96 14.58 26.93
CA LYS A 322 -9.50 14.53 27.01
C LYS A 322 -8.97 15.09 28.31
N GLU A 323 -9.58 16.15 28.82
CA GLU A 323 -9.17 16.69 30.13
C GLU A 323 -9.35 15.68 31.28
N ARG A 324 -10.33 14.81 31.10
CA ARG A 324 -10.61 13.72 32.03
C ARG A 324 -9.82 12.44 31.69
N GLY A 325 -8.90 12.54 30.75
CA GLY A 325 -7.98 11.45 30.40
C GLY A 325 -8.57 10.40 29.49
N ILE A 326 -9.59 10.78 28.71
CA ILE A 326 -10.26 9.84 27.84
CA ILE A 326 -10.33 9.84 27.86
C ILE A 326 -10.22 10.26 26.37
N GLY A 327 -9.69 9.37 25.53
CA GLY A 327 -9.61 9.62 24.10
C GLY A 327 -10.92 9.28 23.43
N THR A 328 -11.26 10.09 22.42
CA THR A 328 -12.47 9.90 21.61
C THR A 328 -12.14 10.14 20.15
N GLY A 329 -13.04 9.69 19.30
CA GLY A 329 -12.87 9.81 17.86
C GLY A 329 -14.16 10.25 17.19
N ILE A 330 -14.09 10.41 15.87
CA ILE A 330 -15.24 10.71 15.04
C ILE A 330 -15.33 9.77 13.84
N HIS A 331 -16.40 8.99 13.82
CA HIS A 331 -16.61 7.95 12.79
C HIS A 331 -18.07 7.98 12.35
N TYR A 332 -18.46 8.88 11.44
CA TYR A 332 -17.61 9.76 10.63
C TYR A 332 -18.43 10.97 10.27
N PRO A 333 -17.77 12.08 9.94
CA PRO A 333 -18.46 13.20 9.28
C PRO A 333 -19.02 12.74 7.93
N ALA A 334 -20.08 13.37 7.47
CA ALA A 334 -20.69 12.99 6.19
C ALA A 334 -19.79 13.33 5.01
N ILE A 335 -19.54 12.35 4.14
CA ILE A 335 -18.58 12.48 3.03
C ILE A 335 -18.98 13.59 2.06
N HIS A 336 -20.28 13.68 1.77
CA HIS A 336 -20.74 14.50 0.67
C HIS A 336 -20.60 16.00 0.94
N LEU A 337 -20.34 16.37 2.19
CA LEU A 337 -20.06 17.76 2.53
C LEU A 337 -18.58 18.16 2.49
N PHE A 338 -17.71 17.19 2.19
CA PHE A 338 -16.30 17.51 1.98
C PHE A 338 -16.16 18.33 0.68
N THR A 339 -15.15 19.19 0.66
CA THR A 339 -14.86 20.08 -0.46
C THR A 339 -14.87 19.33 -1.82
N LEU A 340 -14.18 18.18 -1.89
CA LEU A 340 -14.12 17.43 -3.17
C LEU A 340 -15.53 17.02 -3.64
N TYR A 341 -16.37 16.65 -2.70
CA TYR A 341 -17.73 16.21 -3.01
C TYR A 341 -18.69 17.36 -3.28
N ARG A 342 -18.54 18.47 -2.58
CA ARG A 342 -19.32 19.64 -2.92
C ARG A 342 -19.05 20.06 -4.37
N ALA A 343 -17.81 19.92 -4.82
CA ALA A 343 -17.45 20.25 -6.20
C ALA A 343 -18.09 19.32 -7.23
N ARG A 344 -18.48 18.11 -6.81
CA ARG A 344 -19.21 17.16 -7.66
C ARG A 344 -20.71 17.47 -7.70
N GLY A 345 -21.15 18.43 -6.89
CA GLY A 345 -22.57 18.80 -6.84
C GLY A 345 -23.38 18.38 -5.65
N PHE A 346 -22.73 18.02 -4.55
CA PHE A 346 -23.45 17.71 -3.33
C PHE A 346 -23.58 18.92 -2.42
N LYS A 347 -24.68 18.92 -1.66
CA LYS A 347 -25.01 20.02 -0.74
C LYS A 347 -25.69 19.49 0.52
N GLU A 348 -25.71 20.33 1.56
CA GLU A 348 -26.51 20.11 2.76
C GLU A 348 -27.98 19.92 2.39
N GLY A 349 -28.63 19.07 3.16
CA GLY A 349 -30.03 18.76 2.98
C GLY A 349 -30.29 17.52 2.14
N MET A 350 -29.27 17.02 1.44
CA MET A 350 -29.44 15.89 0.55
C MET A 350 -29.58 14.55 1.30
N PHE A 351 -28.89 14.41 2.43
CA PHE A 351 -28.89 13.18 3.24
C PHE A 351 -29.03 13.56 4.72
N PRO A 352 -30.25 13.99 5.11
CA PRO A 352 -30.38 14.60 6.43
C PRO A 352 -30.01 13.70 7.60
N HIS A 353 -30.27 12.40 7.52
CA HIS A 353 -29.93 11.53 8.65
C HIS A 353 -28.39 11.39 8.78
N ALA A 354 -27.72 11.18 7.66
CA ALA A 354 -26.24 11.08 7.66
C ALA A 354 -25.59 12.39 8.10
N GLU A 355 -26.23 13.52 7.75
CA GLU A 355 -25.67 14.82 8.12
C GLU A 355 -25.81 15.05 9.62
N ARG A 356 -26.97 14.73 10.20
CA ARG A 356 -27.17 14.90 11.64
C ARG A 356 -26.22 13.97 12.42
N TYR A 357 -26.11 12.72 11.94
CA TYR A 357 -25.22 11.75 12.56
C TYR A 357 -23.78 12.24 12.46
N GLY A 358 -23.39 12.68 11.27
CA GLY A 358 -21.98 13.05 11.03
C GLY A 358 -21.52 14.24 11.87
N ALA A 359 -22.46 15.15 12.17
CA ALA A 359 -22.16 16.30 13.01
C ALA A 359 -22.14 16.00 14.50
N SER A 360 -22.76 14.89 14.92
CA SER A 360 -23.01 14.65 16.36
C SER A 360 -22.36 13.40 16.94
N THR A 361 -21.87 12.54 16.07
CA THR A 361 -21.26 11.28 16.52
C THR A 361 -19.94 11.48 17.26
N VAL A 362 -19.74 10.69 18.31
CA VAL A 362 -18.47 10.58 19.03
C VAL A 362 -18.23 9.11 19.33
N THR A 363 -16.99 8.68 19.15
CA THR A 363 -16.54 7.32 19.40
C THR A 363 -15.94 7.22 20.78
N LEU A 364 -16.51 6.35 21.60
CA LEU A 364 -16.02 6.08 22.96
C LEU A 364 -15.07 4.90 22.99
N PRO A 365 -14.21 4.80 24.03
CA PRO A 365 -13.25 3.69 24.06
C PRO A 365 -13.89 2.30 24.05
N LEU A 366 -13.36 1.44 23.20
CA LEU A 366 -13.77 0.05 23.15
C LEU A 366 -12.63 -0.75 22.55
N PHE A 367 -11.99 -1.56 23.39
CA PHE A 367 -10.88 -2.40 22.98
C PHE A 367 -10.74 -3.53 23.99
N THR A 368 -10.10 -4.62 23.57
CA THR A 368 -10.20 -5.88 24.31
C THR A 368 -9.54 -5.85 25.70
N GLN A 369 -8.56 -4.97 25.90
CA GLN A 369 -7.89 -4.89 27.20
C GLN A 369 -8.60 -3.99 28.20
N MET A 370 -9.73 -3.41 27.80
CA MET A 370 -10.50 -2.61 28.75
C MET A 370 -11.15 -3.45 29.84
N THR A 371 -11.33 -2.83 31.01
CA THR A 371 -12.04 -3.46 32.12
C THR A 371 -13.44 -2.82 32.25
N GLU A 372 -14.30 -3.44 33.04
CA GLU A 372 -15.58 -2.82 33.41
C GLU A 372 -15.34 -1.47 34.09
N GLY A 373 -14.29 -1.37 34.91
CA GLY A 373 -13.88 -0.10 35.53
C GLY A 373 -13.62 1.00 34.53
N ASP A 374 -12.96 0.66 33.43
CA ASP A 374 -12.70 1.62 32.35
C ASP A 374 -14.00 2.09 31.73
N VAL A 375 -14.93 1.16 31.49
CA VAL A 375 -16.23 1.52 30.98
C VAL A 375 -16.92 2.50 31.92
N ARG A 376 -16.93 2.20 33.20
CA ARG A 376 -17.56 3.08 34.18
C ARG A 376 -16.89 4.47 34.23
N ARG A 377 -15.57 4.51 34.12
CA ARG A 377 -14.81 5.77 33.99
C ARG A 377 -15.28 6.62 32.80
N VAL A 378 -15.43 5.98 31.64
CA VAL A 378 -15.89 6.68 30.45
C VAL A 378 -17.29 7.25 30.67
N VAL A 379 -18.22 6.42 31.15
CA VAL A 379 -19.59 6.87 31.35
C VAL A 379 -19.68 7.96 32.41
N ASP A 380 -18.89 7.85 33.46
CA ASP A 380 -18.78 8.92 34.45
C ASP A 380 -18.41 10.26 33.80
N ALA A 381 -17.43 10.24 32.92
CA ALA A 381 -17.00 11.47 32.24
C ALA A 381 -18.10 12.02 31.33
N VAL A 382 -18.75 11.16 30.58
CA VAL A 382 -19.82 11.61 29.68
C VAL A 382 -20.95 12.23 30.54
N ASN A 383 -21.30 11.56 31.64
CA ASN A 383 -22.35 12.07 32.56
C ASN A 383 -21.96 13.43 33.14
N GLN A 384 -20.70 13.55 33.58
CA GLN A 384 -20.24 14.77 34.23
C GLN A 384 -20.33 15.95 33.26
N ILE A 385 -19.95 15.72 32.01
CA ILE A 385 -19.95 16.78 31.02
C ILE A 385 -21.40 17.17 30.69
N CYS A 386 -22.27 16.18 30.53
CA CYS A 386 -23.68 16.47 30.28
C CYS A 386 -24.34 17.21 31.45
N GLU A 387 -24.01 16.81 32.67
CA GLU A 387 -24.54 17.50 33.85
C GLU A 387 -24.10 18.97 33.90
N GLN A 388 -22.81 19.22 33.64
CA GLN A 388 -22.30 20.60 33.71
C GLN A 388 -22.81 21.47 32.58
N TYR A 389 -22.77 20.94 31.35
CA TYR A 389 -22.96 21.77 30.16
C TYR A 389 -24.32 21.62 29.46
N GLY A 390 -25.16 20.70 29.92
CA GLY A 390 -26.49 20.52 29.38
C GLY A 390 -27.39 21.69 29.67
N LYS A 391 -28.26 22.00 28.72
CA LYS A 391 -29.24 23.06 28.90
C LYS A 391 -30.31 22.59 29.86
N ALA B 14 27.20 -27.66 -1.64
CA ALA B 14 27.16 -26.22 -1.24
C ALA B 14 25.70 -25.75 -1.08
N PRO B 15 25.43 -24.85 -0.11
CA PRO B 15 24.05 -24.37 0.07
C PRO B 15 23.60 -23.49 -1.08
N PHE B 16 22.28 -23.36 -1.26
CA PHE B 16 21.76 -22.55 -2.33
C PHE B 16 22.16 -21.09 -2.16
N LEU B 17 22.55 -20.45 -3.27
CA LEU B 17 22.90 -19.03 -3.25
C LEU B 17 21.82 -18.20 -3.95
N PRO B 18 20.95 -17.48 -3.19
CA PRO B 18 19.92 -16.69 -3.87
C PRO B 18 20.54 -15.44 -4.49
N PHE B 19 19.82 -14.72 -5.35
CA PHE B 19 20.43 -13.53 -5.96
C PHE B 19 20.41 -12.33 -5.04
N THR B 20 19.59 -12.39 -4.01
CA THR B 20 19.61 -11.37 -2.96
C THR B 20 19.07 -11.91 -1.65
N ARG B 21 19.43 -11.21 -0.58
CA ARG B 21 19.04 -11.53 0.79
C ARG B 21 19.23 -10.23 1.61
N PRO B 22 18.27 -9.85 2.46
CA PRO B 22 18.45 -8.64 3.29
C PRO B 22 19.41 -8.89 4.46
N GLU B 23 19.89 -7.80 5.06
CA GLU B 23 20.74 -7.88 6.23
C GLU B 23 20.13 -7.02 7.34
N ILE B 24 19.40 -7.67 8.23
CA ILE B 24 18.64 -6.98 9.29
C ILE B 24 19.22 -7.40 10.64
N ASP B 25 19.76 -6.45 11.38
CA ASP B 25 20.48 -6.76 12.61
C ASP B 25 19.57 -6.90 13.85
N GLU B 26 20.17 -7.35 14.97
CA GLU B 26 19.38 -7.60 16.17
C GLU B 26 18.86 -6.35 16.86
N GLU B 27 19.61 -5.24 16.79
CA GLU B 27 19.11 -3.94 17.32
C GLU B 27 17.82 -3.56 16.58
N THR B 28 17.78 -3.80 15.28
CA THR B 28 16.62 -3.44 14.47
C THR B 28 15.42 -4.33 14.83
N ILE B 29 15.65 -5.64 14.93
CA ILE B 29 14.60 -6.58 15.28
C ILE B 29 14.04 -6.25 16.67
N GLN B 30 14.93 -5.98 17.63
CA GLN B 30 14.54 -5.53 18.98
C GLN B 30 13.67 -4.27 18.91
N GLY B 31 14.03 -3.35 18.02
CA GLY B 31 13.26 -2.12 17.81
C GLY B 31 11.85 -2.45 17.35
N VAL B 32 11.72 -3.36 16.40
CA VAL B 32 10.40 -3.77 15.92
C VAL B 32 9.59 -4.38 17.07
N VAL B 33 10.26 -5.20 17.89
CA VAL B 33 9.62 -5.78 19.08
C VAL B 33 9.04 -4.67 19.99
N GLU B 34 9.84 -3.65 20.22
CA GLU B 34 9.42 -2.53 21.07
C GLU B 34 8.20 -1.81 20.45
N VAL B 35 8.25 -1.56 19.14
CA VAL B 35 7.12 -0.92 18.47
C VAL B 35 5.85 -1.74 18.67
N LEU B 36 5.94 -3.04 18.39
CA LEU B 36 4.76 -3.90 18.55
C LEU B 36 4.23 -3.89 19.99
N ARG B 37 5.14 -3.96 20.98
CA ARG B 37 4.73 -3.93 22.38
C ARG B 37 4.07 -2.60 22.76
N SER B 38 4.47 -1.53 22.09
CA SER B 38 3.98 -0.17 22.40
C SER B 38 2.50 0.01 22.02
N GLY B 39 2.04 -0.78 21.06
CA GLY B 39 0.66 -0.60 20.54
C GLY B 39 0.51 0.51 19.50
N TRP B 40 1.54 1.33 19.31
CA TRP B 40 1.59 2.36 18.27
CA TRP B 40 1.51 2.33 18.21
C TRP B 40 2.28 1.74 17.06
N ILE B 41 1.51 1.04 16.22
CA ILE B 41 2.08 0.21 15.18
C ILE B 41 2.00 0.75 13.76
N THR B 42 0.95 1.54 13.46
CA THR B 42 0.94 2.23 12.16
C THR B 42 1.54 3.64 12.29
N THR B 43 1.31 4.48 11.29
CA THR B 43 2.04 5.72 11.13
C THR B 43 2.05 6.55 12.42
N GLY B 44 3.26 6.90 12.90
CA GLY B 44 3.41 7.60 14.15
C GLY B 44 4.83 8.15 14.31
N PRO B 45 5.36 8.11 15.54
CA PRO B 45 6.66 8.74 15.80
C PRO B 45 7.84 8.13 15.03
N GLN B 46 7.78 6.84 14.68
CA GLN B 46 8.89 6.23 13.93
C GLN B 46 8.94 6.79 12.52
N CYS B 47 7.78 6.91 11.89
CA CYS B 47 7.73 7.54 10.57
C CYS B 47 8.22 8.98 10.64
N GLN B 48 7.87 9.71 11.69
CA GLN B 48 8.36 11.09 11.82
C GLN B 48 9.90 11.13 11.90
N LYS B 49 10.48 10.23 12.69
CA LYS B 49 11.93 10.18 12.88
C LYS B 49 12.59 9.75 11.55
N PHE B 50 11.98 8.80 10.83
CA PHE B 50 12.52 8.32 9.56
C PHE B 50 12.49 9.42 8.49
N GLU B 51 11.37 10.15 8.37
CA GLU B 51 11.31 11.30 7.49
C GLU B 51 12.38 12.35 7.83
N ALA B 52 12.60 12.60 9.12
CA ALA B 52 13.61 13.56 9.50
C ALA B 52 15.01 13.10 9.09
N ALA B 53 15.31 11.80 9.31
CA ALA B 53 16.60 11.23 8.95
C ALA B 53 16.84 11.28 7.46
N LEU B 54 15.81 10.96 6.68
CA LEU B 54 15.92 11.03 5.23
C LEU B 54 16.07 12.50 4.75
N SER B 55 15.34 13.41 5.37
CA SER B 55 15.49 14.82 5.02
C SER B 55 16.93 15.28 5.24
N GLU B 56 17.49 14.93 6.40
CA GLU B 56 18.90 15.24 6.69
C GLU B 56 19.84 14.68 5.62
N TYR B 57 19.62 13.41 5.26
CA TYR B 57 20.43 12.75 4.23
C TYR B 57 20.37 13.54 2.91
N CYS B 58 19.18 14.07 2.61
CA CYS B 58 18.91 14.85 1.40
C CYS B 58 19.24 16.34 1.52
N GLY B 59 19.99 16.72 2.54
CA GLY B 59 20.46 18.11 2.64
C GLY B 59 19.39 19.06 3.19
N GLY B 60 18.39 18.52 3.89
CA GLY B 60 17.32 19.32 4.48
C GLY B 60 16.06 19.50 3.64
N ARG B 61 16.02 18.83 2.49
CA ARG B 61 14.83 18.88 1.64
C ARG B 61 13.68 18.17 2.33
N PRO B 62 12.44 18.61 2.10
CA PRO B 62 11.32 17.85 2.69
C PRO B 62 11.22 16.44 2.12
N VAL B 63 10.97 15.44 2.98
CA VAL B 63 10.81 14.06 2.53
C VAL B 63 9.55 13.50 3.16
N ARG B 64 8.77 12.78 2.38
CA ARG B 64 7.63 12.04 2.93
C ARG B 64 7.78 10.56 2.58
N VAL B 65 7.44 9.68 3.52
CA VAL B 65 7.52 8.24 3.34
C VAL B 65 6.16 7.60 3.12
N PHE B 66 6.21 6.47 2.42
CA PHE B 66 5.02 5.80 1.88
C PHE B 66 5.19 4.30 1.94
N ASN B 67 4.10 3.58 1.69
CA ASN B 67 4.12 2.12 1.72
C ASN B 67 4.71 1.41 0.50
N SER B 68 5.19 2.17 -0.50
CA SER B 68 5.96 1.64 -1.62
C SER B 68 6.70 2.75 -2.32
N GLY B 69 7.62 2.35 -3.20
CA GLY B 69 8.27 3.27 -4.15
C GLY B 69 7.62 3.30 -5.52
N THR B 70 6.37 2.86 -5.60
CA THR B 70 5.56 2.99 -6.80
C THR B 70 4.60 4.17 -6.66
N CYS B 71 3.88 4.24 -5.54
CA CYS B 71 2.95 5.35 -5.34
C CYS B 71 3.68 6.70 -5.33
N THR B 72 4.94 6.71 -4.92
CA THR B 72 5.75 7.94 -4.92
C THR B 72 5.96 8.50 -6.34
N LEU B 73 6.16 7.62 -7.33
CA LEU B 73 6.24 8.03 -8.71
C LEU B 73 4.94 8.66 -9.17
N GLU B 74 3.82 8.00 -8.88
CA GLU B 74 2.49 8.47 -9.31
C GLU B 74 2.19 9.81 -8.66
N ILE B 75 2.50 9.93 -7.38
CA ILE B 75 2.25 11.19 -6.66
C ILE B 75 3.14 12.30 -7.19
N GLY B 76 4.40 11.96 -7.50
CA GLY B 76 5.28 12.96 -8.10
C GLY B 76 4.69 13.49 -9.40
N LEU B 77 4.16 12.61 -10.24
CA LEU B 77 3.51 13.05 -11.49
C LEU B 77 2.32 13.98 -11.20
N ARG B 78 1.51 13.64 -10.20
CA ARG B 78 0.36 14.48 -9.85
C ARG B 78 0.78 15.87 -9.34
N ILE B 79 1.82 15.91 -8.53
CA ILE B 79 2.38 17.15 -8.04
C ILE B 79 2.87 18.03 -9.23
N ALA B 80 3.42 17.37 -10.23
CA ALA B 80 3.87 18.01 -11.48
C ALA B 80 2.73 18.40 -12.42
N GLY B 81 1.48 18.07 -12.06
CA GLY B 81 0.27 18.45 -12.86
C GLY B 81 -0.01 17.56 -14.05
N VAL B 82 0.56 16.36 -14.03
CA VAL B 82 0.44 15.42 -15.14
C VAL B 82 -0.93 14.74 -15.15
N GLY B 83 -1.57 14.73 -16.32
CA GLY B 83 -2.89 14.15 -16.49
C GLY B 83 -3.23 13.94 -17.96
N PRO B 84 -4.52 13.75 -18.27
CA PRO B 84 -4.99 13.54 -19.64
C PRO B 84 -4.43 14.58 -20.63
N GLY B 85 -3.91 14.09 -21.75
CA GLY B 85 -3.35 14.96 -22.79
C GLY B 85 -1.86 15.22 -22.70
N ASP B 86 -1.29 14.93 -21.53
CA ASP B 86 0.14 15.11 -21.30
C ASP B 86 0.91 13.83 -21.66
N GLU B 87 2.16 14.03 -22.06
CA GLU B 87 3.10 12.92 -22.32
C GLU B 87 4.17 12.91 -21.24
N VAL B 88 4.58 11.70 -20.87
CA VAL B 88 5.69 11.54 -19.94
C VAL B 88 6.65 10.54 -20.57
N ILE B 89 7.94 10.89 -20.64
CA ILE B 89 8.94 10.03 -21.29
C ILE B 89 9.64 9.16 -20.25
N THR B 90 9.78 7.87 -20.56
CA THR B 90 10.50 6.96 -19.70
C THR B 90 11.16 5.85 -20.55
N THR B 91 11.73 4.86 -19.87
CA THR B 91 12.48 3.76 -20.48
C THR B 91 11.65 2.47 -20.47
N PRO B 92 11.76 1.64 -21.52
CA PRO B 92 11.07 0.34 -21.47
C PRO B 92 11.82 -0.70 -20.66
N ALA B 93 13.08 -0.43 -20.29
CA ALA B 93 13.93 -1.36 -19.54
C ALA B 93 13.85 -1.01 -18.05
N SER B 94 12.72 -1.40 -17.47
CA SER B 94 12.39 -1.08 -16.08
CA SER B 94 12.35 -1.05 -16.10
C SER B 94 11.23 -1.95 -15.66
N TRP B 95 11.00 -2.02 -14.35
CA TRP B 95 9.79 -2.63 -13.82
C TRP B 95 8.58 -1.83 -14.36
N VAL B 96 7.50 -2.54 -14.64
CA VAL B 96 6.35 -1.98 -15.33
C VAL B 96 5.66 -0.84 -14.58
N SER B 97 5.86 -0.73 -13.27
CA SER B 97 5.22 0.36 -12.56
C SER B 97 5.66 1.71 -13.10
N THR B 98 6.88 1.78 -13.64
CA THR B 98 7.42 3.04 -14.14
C THR B 98 6.52 3.70 -15.17
N SER B 99 5.95 2.90 -16.07
CA SER B 99 5.03 3.42 -17.08
C SER B 99 3.56 3.23 -16.66
N ASN B 100 3.25 2.21 -15.86
CA ASN B 100 1.88 2.06 -15.42
C ASN B 100 1.40 3.28 -14.60
N VAL B 101 2.29 3.89 -13.81
CA VAL B 101 1.90 5.10 -13.06
C VAL B 101 1.55 6.26 -13.98
N ILE B 102 2.16 6.32 -15.15
CA ILE B 102 1.83 7.35 -16.13
C ILE B 102 0.38 7.12 -16.60
N ILE B 103 0.06 5.90 -17.00
CA ILE B 103 -1.28 5.60 -17.44
C ILE B 103 -2.31 5.91 -16.33
N GLU B 104 -1.97 5.59 -15.07
CA GLU B 104 -2.87 5.83 -13.93
C GLU B 104 -3.34 7.27 -13.84
N THR B 105 -2.45 8.21 -14.19
CA THR B 105 -2.77 9.64 -14.13
C THR B 105 -3.68 10.10 -15.31
N GLY B 106 -3.84 9.26 -16.33
CA GLY B 106 -4.53 9.63 -17.57
C GLY B 106 -3.60 10.11 -18.66
N ALA B 107 -2.34 10.30 -18.33
CA ALA B 107 -1.35 10.74 -19.28
C ALA B 107 -0.92 9.59 -20.19
N THR B 108 -0.11 9.93 -21.18
CA THR B 108 0.38 9.01 -22.18
C THR B 108 1.87 8.69 -21.99
N PRO B 109 2.19 7.42 -21.77
CA PRO B 109 3.60 7.07 -21.76
C PRO B 109 4.24 7.09 -23.14
N VAL B 110 5.43 7.69 -23.18
CA VAL B 110 6.28 7.75 -24.34
C VAL B 110 7.63 7.12 -23.97
N PHE B 111 8.05 6.12 -24.73
CA PHE B 111 9.33 5.48 -24.46
C PHE B 111 10.44 6.06 -25.30
N ALA B 112 11.64 6.07 -24.71
CA ALA B 112 12.89 6.30 -25.41
C ALA B 112 13.83 5.12 -25.11
N ASP B 113 14.62 4.73 -26.11
CA ASP B 113 15.48 3.56 -26.00
C ASP B 113 16.62 3.79 -25.01
N ILE B 114 17.19 2.68 -24.58
CA ILE B 114 18.36 2.71 -23.70
C ILE B 114 19.68 2.82 -24.47
N ASP B 115 20.69 3.26 -23.74
CA ASP B 115 22.07 3.10 -24.14
C ASP B 115 22.45 1.67 -23.80
N PRO B 116 22.89 0.88 -24.79
CA PRO B 116 23.22 -0.50 -24.48
C PRO B 116 24.41 -0.70 -23.51
N VAL B 117 25.27 0.30 -23.37
CA VAL B 117 26.42 0.21 -22.48
C VAL B 117 26.02 0.42 -21.02
N THR B 118 25.28 1.48 -20.73
CA THR B 118 24.88 1.75 -19.35
C THR B 118 23.59 1.02 -18.95
N ARG B 119 22.76 0.66 -19.94
CA ARG B 119 21.44 0.06 -19.79
C ARG B 119 20.38 1.06 -19.28
N ASN B 120 20.77 2.32 -19.13
CA ASN B 120 19.86 3.38 -18.77
C ASN B 120 19.35 4.08 -20.03
N ILE B 121 18.24 4.78 -19.86
CA ILE B 121 17.67 5.62 -20.90
C ILE B 121 18.77 6.46 -21.58
N ASP B 122 18.75 6.47 -22.91
CA ASP B 122 19.69 7.26 -23.71
C ASP B 122 19.18 8.70 -23.72
N LEU B 123 19.95 9.64 -23.16
CA LEU B 123 19.45 11.01 -22.99
C LEU B 123 19.21 11.74 -24.32
N ASP B 124 19.95 11.37 -25.37
CA ASP B 124 19.71 11.92 -26.69
C ASP B 124 18.39 11.40 -27.24
N LYS B 125 18.13 10.10 -27.07
CA LYS B 125 16.84 9.52 -27.47
C LYS B 125 15.69 10.13 -26.67
N LEU B 126 15.93 10.39 -25.39
CA LEU B 126 14.96 11.11 -24.57
C LEU B 126 14.64 12.48 -25.17
N GLU B 127 15.65 13.28 -25.45
CA GLU B 127 15.45 14.62 -25.99
C GLU B 127 14.69 14.57 -27.33
N GLN B 128 15.06 13.60 -28.19
CA GLN B 128 14.39 13.33 -29.47
C GLN B 128 12.91 13.01 -29.36
N ALA B 129 12.47 12.53 -28.20
CA ALA B 129 11.07 12.16 -27.97
C ALA B 129 10.19 13.29 -27.41
N ILE B 130 10.79 14.45 -27.12
CA ILE B 130 10.05 15.58 -26.59
C ILE B 130 9.13 16.20 -27.66
N THR B 131 7.88 16.46 -27.28
CA THR B 131 6.89 17.12 -28.12
C THR B 131 6.27 18.26 -27.30
N PRO B 132 5.40 19.08 -27.91
CA PRO B 132 4.73 20.09 -27.10
C PRO B 132 3.81 19.52 -26.01
N ARG B 133 3.46 18.24 -26.09
CA ARG B 133 2.66 17.60 -25.04
C ARG B 133 3.49 17.05 -23.86
N THR B 134 4.80 16.95 -24.02
CA THR B 134 5.64 16.45 -22.92
C THR B 134 5.54 17.36 -21.73
N LYS B 135 5.28 16.75 -20.56
CA LYS B 135 5.22 17.50 -19.29
C LYS B 135 6.24 17.06 -18.26
N ALA B 136 6.61 15.79 -18.30
CA ALA B 136 7.55 15.27 -17.35
C ALA B 136 8.35 14.13 -17.94
N ILE B 137 9.44 13.79 -17.23
CA ILE B 137 10.34 12.71 -17.60
C ILE B 137 10.54 11.85 -16.35
N ILE B 138 10.59 10.54 -16.56
CA ILE B 138 10.92 9.56 -15.52
C ILE B 138 12.16 8.76 -15.95
N PRO B 139 13.35 9.29 -15.64
CA PRO B 139 14.55 8.47 -15.87
C PRO B 139 14.58 7.36 -14.82
N VAL B 140 15.12 6.21 -15.18
CA VAL B 140 15.33 5.11 -14.23
C VAL B 140 16.83 4.96 -13.99
N PHE B 141 17.23 4.84 -12.73
CA PHE B 141 18.63 4.56 -12.41
C PHE B 141 18.79 3.05 -12.22
N LEU B 142 18.92 2.35 -13.34
CA LEU B 142 18.91 0.89 -13.34
C LEU B 142 20.21 0.37 -12.70
N SER B 143 20.06 -0.62 -11.83
CA SER B 143 21.13 -1.15 -10.98
CA SER B 143 21.09 -1.16 -10.95
C SER B 143 21.60 -0.17 -9.90
N GLY B 144 20.92 0.96 -9.78
CA GLY B 144 21.34 2.04 -8.90
C GLY B 144 22.29 3.04 -9.56
N LEU B 145 22.54 2.88 -10.84
CA LEU B 145 23.48 3.72 -11.60
C LEU B 145 22.77 4.99 -12.10
N PRO B 146 23.20 6.18 -11.61
CA PRO B 146 22.60 7.38 -12.16
C PRO B 146 22.92 7.60 -13.62
N VAL B 147 22.02 8.30 -14.31
CA VAL B 147 22.33 8.87 -15.60
C VAL B 147 23.25 10.06 -15.39
N ASP B 148 23.71 10.65 -16.48
CA ASP B 148 24.45 11.93 -16.40
C ASP B 148 23.50 13.00 -15.90
N MET B 149 23.62 13.31 -14.61
CA MET B 149 22.61 14.15 -13.97
C MET B 149 22.70 15.59 -14.48
N ASP B 150 23.89 16.02 -14.88
CA ASP B 150 24.03 17.36 -15.44
C ASP B 150 23.27 17.49 -16.77
N ARG B 151 23.46 16.49 -17.65
CA ARG B 151 22.78 16.51 -18.94
CA ARG B 151 22.79 16.48 -18.94
C ARG B 151 21.28 16.35 -18.75
N LEU B 152 20.87 15.46 -17.86
CA LEU B 152 19.44 15.27 -17.57
C LEU B 152 18.76 16.59 -17.24
N TYR B 153 19.34 17.34 -16.33
CA TYR B 153 18.69 18.60 -15.88
C TYR B 153 18.89 19.78 -16.87
N ALA B 154 19.98 19.76 -17.64
CA ALA B 154 20.13 20.69 -18.77
C ALA B 154 18.97 20.53 -19.75
N ILE B 155 18.65 19.26 -20.06
CA ILE B 155 17.49 18.95 -20.92
C ILE B 155 16.19 19.41 -20.27
N ALA B 156 15.99 19.05 -19.01
CA ALA B 156 14.74 19.41 -18.33
C ALA B 156 14.53 20.93 -18.27
N ARG B 157 15.60 21.67 -17.95
CA ARG B 157 15.51 23.12 -17.87
C ARG B 157 15.22 23.74 -19.22
N ALA B 158 15.93 23.29 -20.26
CA ALA B 158 15.75 23.84 -21.59
C ALA B 158 14.33 23.64 -22.11
N HIS B 159 13.67 22.53 -21.73
CA HIS B 159 12.34 22.23 -22.21
C HIS B 159 11.23 22.49 -21.18
N LYS B 160 11.59 23.12 -20.05
CA LYS B 160 10.65 23.40 -18.96
C LYS B 160 9.86 22.15 -18.57
N LEU B 161 10.58 21.06 -18.34
CA LEU B 161 9.98 19.79 -17.93
C LEU B 161 10.26 19.48 -16.47
N ARG B 162 9.27 18.89 -15.80
CA ARG B 162 9.48 18.32 -14.47
C ARG B 162 10.14 16.95 -14.59
N VAL B 163 10.94 16.64 -13.58
CA VAL B 163 11.60 15.33 -13.53
C VAL B 163 11.17 14.60 -12.27
N ILE B 164 10.63 13.39 -12.45
CA ILE B 164 10.34 12.49 -11.35
C ILE B 164 11.37 11.37 -11.49
N GLU B 165 12.41 11.43 -10.66
CA GLU B 165 13.49 10.45 -10.76
C GLU B 165 13.04 9.11 -10.21
N ASP B 166 13.10 8.06 -11.02
CA ASP B 166 12.86 6.72 -10.50
C ASP B 166 14.18 6.18 -9.98
N ALA B 167 14.45 6.66 -8.77
CA ALA B 167 15.63 6.29 -8.00
C ALA B 167 15.31 5.11 -7.07
N ALA B 168 14.34 4.27 -7.44
CA ALA B 168 13.92 3.12 -6.63
C ALA B 168 15.12 2.37 -6.09
N GLN B 169 16.09 2.13 -6.98
CA GLN B 169 17.24 1.27 -6.71
C GLN B 169 18.50 2.04 -6.25
N ALA B 170 18.40 3.35 -6.12
CA ALA B 170 19.59 4.22 -6.04
C ALA B 170 19.76 4.94 -4.69
N PHE B 171 19.16 4.43 -3.63
CA PHE B 171 19.43 5.01 -2.31
C PHE B 171 20.86 4.71 -1.87
N GLY B 172 21.65 5.78 -1.73
CA GLY B 172 23.07 5.69 -1.49
C GLY B 172 23.93 5.97 -2.71
N SER B 173 23.31 6.06 -3.89
CA SER B 173 24.04 6.47 -5.09
C SER B 173 24.39 7.96 -5.05
N THR B 174 25.47 8.32 -5.73
CA THR B 174 25.92 9.69 -5.83
C THR B 174 26.22 10.08 -7.30
N TRP B 175 26.36 11.38 -7.51
CA TRP B 175 26.77 11.94 -8.79
C TRP B 175 27.78 13.05 -8.50
N HIS B 176 29.03 12.88 -8.94
CA HIS B 176 30.09 13.88 -8.69
C HIS B 176 30.17 14.18 -7.20
N GLY B 177 29.96 13.16 -6.39
CA GLY B 177 30.04 13.28 -4.92
C GLY B 177 28.82 13.85 -4.20
N LYS B 178 27.77 14.19 -4.95
CA LYS B 178 26.52 14.66 -4.38
C LYS B 178 25.49 13.51 -4.32
N ARG B 179 24.70 13.47 -3.25
CA ARG B 179 23.75 12.38 -3.08
C ARG B 179 22.55 12.49 -3.99
N ILE B 180 22.26 11.37 -4.66
CA ILE B 180 20.92 11.19 -5.25
C ILE B 180 19.91 11.42 -4.10
N GLY B 181 18.90 12.26 -4.35
CA GLY B 181 17.99 12.72 -3.33
C GLY B 181 18.23 14.16 -2.88
N ALA B 182 19.51 14.55 -2.79
CA ALA B 182 19.90 15.90 -2.43
C ALA B 182 19.96 16.87 -3.59
N ILE B 183 19.94 16.30 -4.80
CA ILE B 183 19.92 17.01 -6.06
C ILE B 183 18.67 16.61 -6.82
N GLY B 184 18.39 17.34 -7.90
CA GLY B 184 17.28 17.02 -8.76
C GLY B 184 15.95 17.58 -8.32
N ASP B 185 14.90 17.16 -9.02
CA ASP B 185 13.57 17.69 -8.86
C ASP B 185 12.79 16.80 -7.86
N LEU B 186 11.84 16.00 -8.31
CA LEU B 186 11.11 15.09 -7.42
C LEU B 186 11.85 13.76 -7.46
N VAL B 187 12.25 13.25 -6.30
CA VAL B 187 13.09 12.03 -6.27
C VAL B 187 12.36 10.93 -5.52
N SER B 188 12.19 9.80 -6.21
CA SER B 188 11.48 8.63 -5.65
C SER B 188 12.43 7.48 -5.33
N PHE B 189 12.37 7.00 -4.08
CA PHE B 189 13.13 5.86 -3.60
C PHE B 189 12.16 4.72 -3.21
N SER B 190 12.65 3.48 -3.33
CA SER B 190 11.97 2.30 -2.83
C SER B 190 12.78 1.69 -1.69
N PHE B 191 12.09 1.17 -0.69
CA PHE B 191 12.69 0.41 0.40
C PHE B 191 12.13 -1.05 0.43
N HIS B 192 11.80 -1.59 -0.74
CA HIS B 192 11.44 -2.98 -0.86
C HIS B 192 12.55 -3.86 -0.25
N ALA B 193 12.16 -5.06 0.17
CA ALA B 193 13.03 -6.06 0.77
C ALA B 193 14.35 -6.26 0.04
N ASN B 194 14.31 -6.20 -1.28
CA ASN B 194 15.49 -6.48 -2.12
C ASN B 194 16.38 -5.26 -2.33
N LYS B 195 15.95 -4.07 -1.90
CA LYS B 195 16.72 -2.85 -2.16
C LYS B 195 17.89 -2.72 -1.17
N ASN B 196 18.82 -1.84 -1.49
CA ASN B 196 20.03 -1.72 -0.66
C ASN B 196 19.76 -1.30 0.79
N LEU B 197 18.63 -0.62 1.02
CA LEU B 197 18.12 -0.32 2.36
C LEU B 197 16.64 -0.66 2.31
N THR B 198 16.16 -1.39 3.30
CA THR B 198 14.78 -1.86 3.32
C THR B 198 13.96 -1.37 4.51
N THR B 199 12.66 -1.22 4.28
CA THR B 199 11.63 -1.13 5.32
C THR B 199 10.60 -2.27 5.19
N ILE B 200 11.02 -3.41 4.62
CA ILE B 200 10.18 -4.57 4.29
C ILE B 200 9.50 -4.29 2.95
N GLU B 201 8.59 -3.30 2.96
CA GLU B 201 8.14 -2.62 1.77
C GLU B 201 7.98 -1.17 2.17
N GLY B 202 8.20 -0.28 1.23
CA GLY B 202 8.07 1.15 1.49
C GLY B 202 8.74 2.00 0.42
N GLY B 203 8.62 3.31 0.57
CA GLY B 203 9.27 4.24 -0.30
C GLY B 203 9.33 5.63 0.25
N ALA B 204 9.94 6.54 -0.51
CA ALA B 204 10.01 7.96 -0.10
C ALA B 204 9.97 8.82 -1.33
N LEU B 205 9.41 10.03 -1.17
CA LEU B 205 9.43 11.06 -2.19
C LEU B 205 10.09 12.29 -1.58
N VAL B 206 11.09 12.80 -2.27
CA VAL B 206 11.80 14.01 -1.87
C VAL B 206 11.19 15.16 -2.67
N LEU B 207 10.76 16.19 -1.95
CA LEU B 207 10.14 17.38 -2.56
C LEU B 207 11.09 18.59 -2.59
N ASN B 208 10.65 19.63 -3.29
CA ASN B 208 11.40 20.89 -3.37
C ASN B 208 11.06 21.86 -2.27
N ASN B 209 9.82 21.79 -1.76
CA ASN B 209 9.32 22.79 -0.82
C ASN B 209 8.14 22.23 -0.01
N GLU B 210 7.76 22.95 1.04
CA GLU B 210 6.76 22.48 1.97
C GLU B 210 5.36 22.44 1.34
N ASP B 211 5.06 23.29 0.34
CA ASP B 211 3.77 23.20 -0.33
C ASP B 211 3.65 21.86 -1.05
N GLU B 212 4.73 21.44 -1.71
CA GLU B 212 4.73 20.15 -2.41
C GLU B 212 4.55 19.02 -1.37
N ALA B 213 5.17 19.17 -0.22
CA ALA B 213 5.11 18.15 0.80
C ALA B 213 3.71 18.01 1.38
N VAL B 214 3.02 19.14 1.56
CA VAL B 214 1.63 19.12 2.01
C VAL B 214 0.75 18.39 0.97
N LEU B 215 0.96 18.66 -0.31
CA LEU B 215 0.18 17.99 -1.34
C LEU B 215 0.46 16.50 -1.32
N ALA B 216 1.73 16.14 -1.18
CA ALA B 216 2.12 14.74 -1.08
C ALA B 216 1.42 14.03 0.07
N GLN B 217 1.35 14.68 1.23
CA GLN B 217 0.63 14.16 2.42
C GLN B 217 -0.84 13.90 2.15
N LYS B 218 -1.47 14.84 1.43
CA LYS B 218 -2.87 14.68 1.06
C LYS B 218 -3.05 13.46 0.14
N TYR B 219 -2.21 13.34 -0.88
CA TYR B 219 -2.30 12.19 -1.76
C TYR B 219 -2.01 10.87 -1.03
N ARG B 220 -1.21 10.93 0.03
CA ARG B 220 -0.78 9.77 0.80
C ARG B 220 -1.94 9.05 1.48
N LEU B 221 -2.95 9.80 1.93
CA LEU B 221 -4.08 9.21 2.67
C LEU B 221 -5.39 9.94 2.39
N GLN B 222 -5.98 9.58 1.26
CA GLN B 222 -7.39 9.91 0.89
C GLN B 222 -7.70 11.36 0.71
N GLY B 223 -6.68 12.21 0.63
CA GLY B 223 -6.92 13.66 0.56
C GLY B 223 -7.45 14.30 1.81
N ILE B 224 -7.35 13.59 2.94
CA ILE B 224 -7.94 14.01 4.19
C ILE B 224 -6.98 14.91 4.96
N THR B 225 -7.49 16.05 5.43
CA THR B 225 -6.85 16.85 6.46
C THR B 225 -7.75 16.86 7.68
N ARG B 226 -7.18 16.56 8.84
CA ARG B 226 -7.86 16.67 10.13
C ARG B 226 -7.41 17.96 10.83
N THR B 227 -8.35 18.65 11.46
CA THR B 227 -8.09 19.88 12.22
CA THR B 227 -8.02 19.82 12.27
C THR B 227 -8.81 19.78 13.56
N GLY B 228 -8.13 20.06 14.66
CA GLY B 228 -8.75 20.00 15.98
C GLY B 228 -9.33 18.64 16.31
N PHE B 229 -10.33 18.63 17.18
CA PHE B 229 -10.93 17.38 17.63
C PHE B 229 -11.84 16.73 16.60
N ASP B 230 -12.58 17.55 15.84
CA ASP B 230 -13.60 17.01 14.92
C ASP B 230 -13.61 17.61 13.52
N GLY B 231 -12.60 18.40 13.17
CA GLY B 231 -12.56 18.93 11.82
C GLY B 231 -11.98 17.90 10.85
N MET B 232 -12.59 17.82 9.69
CA MET B 232 -12.14 16.87 8.66
C MET B 232 -12.57 17.40 7.29
N ASP B 233 -11.68 17.35 6.31
CA ASP B 233 -12.07 17.67 4.92
C ASP B 233 -11.23 16.86 3.97
N CYS B 234 -11.77 16.69 2.76
CA CYS B 234 -11.09 16.01 1.65
C CYS B 234 -11.15 16.95 0.46
N ASP B 235 -10.01 17.37 -0.07
CA ASP B 235 -9.95 18.30 -1.20
C ASP B 235 -9.16 17.75 -2.41
N VAL B 236 -8.67 16.52 -2.30
CA VAL B 236 -7.84 15.85 -3.28
CA VAL B 236 -7.98 15.87 -3.40
C VAL B 236 -8.26 14.37 -3.33
N LEU B 237 -8.26 13.74 -4.50
CA LEU B 237 -8.48 12.29 -4.59
C LEU B 237 -7.19 11.54 -4.24
N GLY B 238 -6.94 11.38 -2.94
CA GLY B 238 -5.78 10.64 -2.47
C GLY B 238 -6.04 9.16 -2.39
N GLY B 239 -5.00 8.40 -2.10
CA GLY B 239 -5.07 6.94 -2.02
C GLY B 239 -4.73 6.44 -0.61
N LYS B 240 -4.23 5.22 -0.56
CA LYS B 240 -3.96 4.54 0.70
C LYS B 240 -2.51 4.11 0.74
N TYR B 241 -1.64 5.03 1.20
CA TYR B 241 -0.23 4.94 0.93
C TYR B 241 0.66 5.23 2.14
N ASN B 242 0.08 5.33 3.34
CA ASN B 242 0.89 5.59 4.52
C ASN B 242 1.75 4.38 4.96
N LEU B 243 2.91 4.69 5.54
CA LEU B 243 3.86 3.66 6.00
C LEU B 243 3.60 3.33 7.48
N THR B 244 3.77 2.06 7.85
CA THR B 244 3.60 1.68 9.24
C THR B 244 4.86 2.05 10.06
N ASP B 245 4.66 2.21 11.38
CA ASP B 245 5.78 2.45 12.28
C ASP B 245 6.71 1.24 12.39
N VAL B 246 6.15 0.04 12.23
CA VAL B 246 6.97 -1.18 12.18
C VAL B 246 7.98 -1.08 11.03
N ALA B 247 7.48 -0.72 9.84
CA ALA B 247 8.34 -0.58 8.67
C ALA B 247 9.35 0.56 8.87
N ALA B 248 8.89 1.70 9.38
CA ALA B 248 9.79 2.82 9.54
C ALA B 248 10.92 2.48 10.50
N ARG B 249 10.61 1.69 11.52
CA ARG B 249 11.65 1.31 12.50
C ARG B 249 12.74 0.45 11.85
N VAL B 250 12.35 -0.38 10.89
CA VAL B 250 13.31 -1.15 10.13
C VAL B 250 14.21 -0.20 9.33
N GLY B 251 13.62 0.79 8.65
CA GLY B 251 14.42 1.74 7.89
C GLY B 251 15.40 2.50 8.77
N LEU B 252 14.95 2.92 9.95
CA LEU B 252 15.83 3.60 10.90
C LEU B 252 17.01 2.71 11.32
N GLY B 253 16.77 1.42 11.48
CA GLY B 253 17.83 0.47 11.82
C GLY B 253 18.80 0.19 10.67
N GLN B 254 18.31 0.30 9.44
CA GLN B 254 19.14 0.12 8.25
C GLN B 254 20.07 1.30 7.98
N LEU B 255 19.58 2.51 8.22
CA LEU B 255 20.30 3.73 7.81
C LEU B 255 21.78 3.82 8.27
N PRO B 256 22.08 3.44 9.54
CA PRO B 256 23.49 3.53 9.95
C PRO B 256 24.43 2.60 9.19
N HIS B 257 23.88 1.60 8.51
CA HIS B 257 24.67 0.65 7.74
C HIS B 257 24.88 1.07 6.29
N LEU B 258 24.27 2.18 5.85
CA LEU B 258 24.25 2.51 4.43
C LEU B 258 25.62 2.55 3.80
N GLU B 259 26.55 3.28 4.41
CA GLU B 259 27.91 3.41 3.84
C GLU B 259 28.57 2.04 3.74
N ARG B 260 28.47 1.25 4.81
CA ARG B 260 29.07 -0.10 4.79
C ARG B 260 28.44 -1.02 3.76
N PHE B 261 27.12 -1.00 3.67
CA PHE B 261 26.47 -1.82 2.66
C PHE B 261 26.96 -1.45 1.24
N THR B 262 27.04 -0.16 0.98
CA THR B 262 27.41 0.31 -0.36
C THR B 262 28.86 -0.10 -0.66
N ALA B 263 29.74 0.06 0.32
CA ALA B 263 31.14 -0.37 0.17
C ALA B 263 31.26 -1.88 -0.08
N GLN B 264 30.48 -2.68 0.65
CA GLN B 264 30.48 -4.14 0.45
C GLN B 264 30.06 -4.51 -0.96
N ARG B 265 29.01 -3.84 -1.44
CA ARG B 265 28.52 -4.11 -2.79
C ARG B 265 29.53 -3.71 -3.85
N ARG B 266 30.20 -2.58 -3.64
CA ARG B 266 31.29 -2.17 -4.55
C ARG B 266 32.42 -3.20 -4.60
N ALA B 267 32.80 -3.73 -3.44
CA ALA B 267 33.87 -4.72 -3.37
C ALA B 267 33.46 -6.02 -4.09
N LEU B 268 32.20 -6.42 -3.95
CA LEU B 268 31.70 -7.60 -4.64
C LEU B 268 31.67 -7.39 -6.17
N ALA B 269 31.24 -6.19 -6.62
CA ALA B 269 31.25 -5.87 -8.02
C ALA B 269 32.68 -5.91 -8.59
N ARG B 270 33.63 -5.31 -7.88
CA ARG B 270 35.05 -5.43 -8.27
C ARG B 270 35.49 -6.88 -8.41
N ALA B 271 35.08 -7.70 -7.46
CA ALA B 271 35.43 -9.12 -7.49
C ALA B 271 34.82 -9.85 -8.69
N TYR B 272 33.61 -9.48 -9.08
CA TYR B 272 33.01 -10.04 -10.29
C TYR B 272 33.83 -9.74 -11.53
N PHE B 273 34.25 -8.46 -11.69
CA PHE B 273 35.03 -8.07 -12.87
C PHE B 273 36.35 -8.87 -12.91
N ALA B 274 37.02 -8.98 -11.77
CA ALA B 274 38.28 -9.69 -11.71
C ALA B 274 38.09 -11.18 -12.03
N ALA B 275 36.99 -11.73 -11.56
CA ALA B 275 36.70 -13.16 -11.76
C ALA B 275 36.33 -13.49 -13.21
N PHE B 276 35.57 -12.60 -13.85
CA PHE B 276 35.15 -12.78 -15.26
C PHE B 276 36.28 -12.60 -16.27
N ASP B 277 37.23 -11.73 -15.93
CA ASP B 277 38.30 -11.30 -16.82
C ASP B 277 39.02 -12.50 -17.48
N GLY B 278 38.86 -12.58 -18.80
CA GLY B 278 39.56 -13.56 -19.61
C GLY B 278 38.94 -14.94 -19.76
N GLY B 279 37.81 -15.20 -19.09
CA GLY B 279 37.23 -16.54 -19.07
C GLY B 279 36.31 -16.83 -20.23
N ALA B 280 35.74 -18.03 -20.20
CA ALA B 280 34.92 -18.56 -21.31
C ALA B 280 33.67 -17.75 -21.54
N ALA B 281 33.02 -17.30 -20.47
CA ALA B 281 31.82 -16.48 -20.59
C ALA B 281 32.12 -15.15 -21.30
N ALA B 282 33.18 -14.48 -20.86
CA ALA B 282 33.59 -13.22 -21.50
C ALA B 282 33.94 -13.45 -22.98
N LYS B 283 34.67 -14.53 -23.27
CA LYS B 283 35.06 -14.82 -24.65
C LYS B 283 33.83 -15.09 -25.52
N LEU B 284 32.83 -15.78 -24.97
CA LEU B 284 31.64 -16.11 -25.75
C LEU B 284 30.81 -14.88 -26.04
N GLY B 285 30.91 -13.88 -25.16
CA GLY B 285 30.17 -12.64 -25.33
C GLY B 285 29.21 -12.27 -24.22
N VAL B 286 29.36 -12.83 -23.02
CA VAL B 286 28.55 -12.34 -21.88
C VAL B 286 28.95 -10.89 -21.62
N GLY B 287 27.94 -10.01 -21.55
CA GLY B 287 28.15 -8.57 -21.45
C GLY B 287 27.97 -8.09 -20.03
N LEU B 288 28.97 -7.39 -19.53
CA LEU B 288 29.04 -6.99 -18.14
C LEU B 288 28.59 -5.56 -18.03
N PRO B 289 28.12 -5.14 -16.83
CA PRO B 289 27.78 -3.73 -16.57
C PRO B 289 29.01 -2.83 -16.61
N VAL B 290 28.80 -1.52 -16.64
CA VAL B 290 29.89 -0.57 -16.51
C VAL B 290 30.71 -0.78 -15.24
N ALA B 291 32.04 -0.78 -15.37
CA ALA B 291 32.95 -0.97 -14.23
C ALA B 291 33.32 0.35 -13.58
N GLU B 292 32.36 0.98 -12.92
CA GLU B 292 32.63 2.23 -12.17
C GLU B 292 32.22 2.06 -10.70
N PHE B 293 32.95 2.73 -9.82
CA PHE B 293 32.91 2.45 -8.38
C PHE B 293 32.78 3.73 -7.57
N GLU B 294 32.27 4.79 -8.22
CA GLU B 294 32.13 6.14 -7.64
C GLU B 294 30.65 6.55 -7.45
N ASN B 295 29.81 6.28 -8.43
CA ASN B 295 28.44 6.85 -8.43
C ASN B 295 27.36 5.85 -8.02
N GLY B 296 27.30 4.73 -8.72
CA GLY B 296 26.28 3.76 -8.46
C GLY B 296 26.49 3.04 -7.14
N ASN B 297 25.38 2.58 -6.58
CA ASN B 297 25.39 1.85 -5.32
C ASN B 297 25.40 0.33 -5.50
N TRP B 298 25.58 -0.15 -6.74
CA TRP B 298 25.70 -1.59 -6.99
C TRP B 298 24.56 -2.40 -6.34
N HIS B 299 23.35 -1.97 -6.64
CA HIS B 299 22.15 -2.65 -6.23
C HIS B 299 22.02 -4.03 -6.91
N MET B 300 22.37 -4.14 -8.20
CA MET B 300 22.36 -5.43 -8.89
C MET B 300 23.56 -5.54 -9.79
N PHE B 301 23.91 -6.79 -10.10
CA PHE B 301 24.91 -7.14 -11.11
C PHE B 301 24.22 -7.81 -12.29
N LEU B 302 24.04 -7.04 -13.34
CA LEU B 302 23.23 -7.40 -14.52
C LEU B 302 24.16 -7.75 -15.70
N VAL B 303 24.04 -8.98 -16.20
CA VAL B 303 24.80 -9.40 -17.38
C VAL B 303 23.86 -9.74 -18.53
N THR B 304 24.37 -9.67 -19.76
CA THR B 304 23.61 -10.10 -20.92
C THR B 304 24.21 -11.37 -21.54
N LEU B 305 23.35 -12.29 -21.87
CA LEU B 305 23.76 -13.51 -22.57
C LEU B 305 23.87 -13.28 -24.06
N PRO B 306 24.90 -13.87 -24.70
CA PRO B 306 25.04 -13.82 -26.15
C PRO B 306 24.18 -14.92 -26.76
N LEU B 307 22.89 -14.66 -26.89
CA LEU B 307 21.93 -15.72 -27.24
C LEU B 307 22.25 -16.36 -28.59
N GLU B 308 22.77 -15.56 -29.54
CA GLU B 308 23.11 -16.07 -30.88
C GLU B 308 24.31 -17.01 -30.86
N ARG B 309 25.03 -17.03 -29.74
CA ARG B 309 26.21 -17.85 -29.54
C ARG B 309 25.97 -18.95 -28.50
N LEU B 310 24.70 -19.20 -28.18
CA LEU B 310 24.32 -20.28 -27.25
C LEU B 310 23.34 -21.26 -27.89
N THR B 311 23.49 -22.55 -27.58
CA THR B 311 22.57 -23.61 -28.04
C THR B 311 21.38 -23.77 -27.11
N ILE B 312 21.37 -23.00 -26.03
CA ILE B 312 20.27 -23.00 -25.06
C ILE B 312 19.66 -21.60 -24.94
N THR B 313 18.41 -21.56 -24.48
CA THR B 313 17.68 -20.32 -24.26
C THR B 313 18.15 -19.67 -22.96
N ARG B 314 17.73 -18.42 -22.75
CA ARG B 314 17.96 -17.78 -21.44
C ARG B 314 17.33 -18.60 -20.30
N ALA B 315 16.10 -19.07 -20.49
CA ALA B 315 15.43 -19.84 -19.47
C ALA B 315 16.21 -21.10 -19.10
N GLU B 316 16.76 -21.77 -20.12
CA GLU B 316 17.58 -22.96 -19.91
C GLU B 316 18.91 -22.58 -19.25
N PHE B 317 19.44 -21.42 -19.60
CA PHE B 317 20.67 -20.94 -18.94
C PHE B 317 20.40 -20.74 -17.43
N MET B 318 19.26 -20.14 -17.12
CA MET B 318 18.88 -19.90 -15.73
C MET B 318 18.60 -21.22 -15.00
N ALA B 319 18.00 -22.19 -15.69
CA ALA B 319 17.78 -23.51 -15.10
C ALA B 319 19.11 -24.19 -14.76
N GLN B 320 20.08 -24.09 -15.68
CA GLN B 320 21.43 -24.63 -15.46
C GLN B 320 22.16 -23.96 -14.30
N MET B 321 21.96 -22.66 -14.12
CA MET B 321 22.49 -21.97 -12.95
C MET B 321 21.84 -22.52 -11.68
N LYS B 322 20.52 -22.71 -11.71
CA LYS B 322 19.82 -23.29 -10.58
C LYS B 322 20.30 -24.71 -10.25
N GLU B 323 20.61 -25.52 -11.27
CA GLU B 323 21.16 -26.87 -11.06
C GLU B 323 22.48 -26.82 -10.30
N ARG B 324 23.19 -25.71 -10.48
CA ARG B 324 24.47 -25.47 -9.80
C ARG B 324 24.32 -24.73 -8.45
N GLY B 325 23.07 -24.55 -8.02
CA GLY B 325 22.77 -23.99 -6.70
C GLY B 325 22.78 -22.47 -6.65
N ILE B 326 22.63 -21.84 -7.82
CA ILE B 326 22.71 -20.37 -7.93
CA ILE B 326 22.69 -20.38 -7.91
C ILE B 326 21.40 -19.78 -8.45
N GLY B 327 20.79 -18.91 -7.65
CA GLY B 327 19.58 -18.22 -8.07
C GLY B 327 19.89 -17.02 -8.95
N THR B 328 19.00 -16.76 -9.89
CA THR B 328 19.12 -15.65 -10.83
C THR B 328 17.76 -15.04 -11.08
N GLY B 329 17.77 -13.86 -11.70
CA GLY B 329 16.57 -13.08 -11.95
C GLY B 329 16.58 -12.42 -13.31
N ILE B 330 15.50 -11.70 -13.64
CA ILE B 330 15.40 -10.95 -14.88
C ILE B 330 14.91 -9.54 -14.58
N HIS B 331 15.78 -8.58 -14.84
CA HIS B 331 15.54 -7.17 -14.59
C HIS B 331 16.02 -6.34 -15.79
N TYR B 332 15.19 -6.17 -16.82
CA TYR B 332 13.80 -6.60 -16.93
C TYR B 332 13.52 -6.83 -18.40
N PRO B 333 12.54 -7.67 -18.72
CA PRO B 333 11.97 -7.69 -20.06
C PRO B 333 11.45 -6.31 -20.49
N ALA B 334 11.47 -6.01 -21.79
CA ALA B 334 10.99 -4.74 -22.28
C ALA B 334 9.48 -4.56 -22.08
N ILE B 335 9.08 -3.47 -21.44
CA ILE B 335 7.68 -3.22 -21.06
C ILE B 335 6.76 -3.16 -22.28
N HIS B 336 7.22 -2.52 -23.35
CA HIS B 336 6.33 -2.19 -24.47
C HIS B 336 5.88 -3.45 -25.23
N LEU B 337 6.52 -4.59 -24.98
CA LEU B 337 6.11 -5.86 -25.63
C LEU B 337 5.08 -6.66 -24.82
N PHE B 338 4.73 -6.17 -23.64
CA PHE B 338 3.69 -6.80 -22.84
C PHE B 338 2.36 -6.59 -23.53
N THR B 339 1.42 -7.50 -23.25
CA THR B 339 0.06 -7.47 -23.84
C THR B 339 -0.64 -6.09 -23.73
N LEU B 340 -0.63 -5.54 -22.52
CA LEU B 340 -1.28 -4.26 -22.28
C LEU B 340 -0.69 -3.16 -23.17
N TYR B 341 0.62 -3.20 -23.40
CA TYR B 341 1.29 -2.18 -24.20
C TYR B 341 1.15 -2.43 -25.69
N ARG B 342 1.14 -3.70 -26.10
CA ARG B 342 0.84 -4.00 -27.49
C ARG B 342 -0.55 -3.49 -27.88
N ALA B 343 -1.48 -3.50 -26.93
CA ALA B 343 -2.82 -3.00 -27.21
C ALA B 343 -2.85 -1.48 -27.37
N ARG B 344 -1.84 -0.80 -26.85
CA ARG B 344 -1.68 0.65 -27.04
C ARG B 344 -0.95 0.97 -28.37
N GLY B 345 -0.51 -0.06 -29.11
CA GLY B 345 0.10 0.08 -30.42
C GLY B 345 1.60 -0.18 -30.48
N PHE B 346 2.21 -0.53 -29.34
CA PHE B 346 3.62 -0.84 -29.34
C PHE B 346 3.93 -2.18 -30.01
N LYS B 347 5.11 -2.27 -30.62
CA LYS B 347 5.52 -3.47 -31.35
C LYS B 347 7.01 -3.63 -31.35
N GLU B 348 7.44 -4.84 -31.72
CA GLU B 348 8.86 -5.15 -31.91
C GLU B 348 9.47 -4.23 -32.96
N GLY B 349 10.73 -3.91 -32.70
CA GLY B 349 11.54 -3.06 -33.55
C GLY B 349 11.49 -1.61 -33.17
N MET B 350 10.61 -1.22 -32.25
CA MET B 350 10.51 0.19 -31.88
C MET B 350 11.67 0.66 -31.00
N PHE B 351 12.18 -0.23 -30.14
CA PHE B 351 13.23 0.11 -29.17
C PHE B 351 14.26 -0.99 -29.15
N PRO B 352 15.09 -1.06 -30.23
CA PRO B 352 15.90 -2.26 -30.40
C PRO B 352 16.87 -2.54 -29.25
N HIS B 353 17.46 -1.51 -28.66
CA HIS B 353 18.43 -1.76 -27.59
C HIS B 353 17.74 -2.34 -26.37
N ALA B 354 16.61 -1.76 -26.02
CA ALA B 354 15.83 -2.25 -24.87
C ALA B 354 15.26 -3.64 -25.13
N GLU B 355 14.93 -3.95 -26.39
CA GLU B 355 14.43 -5.28 -26.75
C GLU B 355 15.54 -6.33 -26.62
N ARG B 356 16.74 -6.00 -27.11
CA ARG B 356 17.85 -6.94 -27.07
C ARG B 356 18.27 -7.18 -25.62
N TYR B 357 18.33 -6.09 -24.86
CA TYR B 357 18.63 -6.16 -23.44
C TYR B 357 17.58 -7.02 -22.69
N GLY B 358 16.32 -6.71 -22.93
CA GLY B 358 15.20 -7.36 -22.25
C GLY B 358 15.14 -8.87 -22.43
N ALA B 359 15.51 -9.31 -23.63
CA ALA B 359 15.57 -10.74 -23.98
C ALA B 359 16.80 -11.49 -23.43
N SER B 360 17.86 -10.76 -23.12
CA SER B 360 19.15 -11.38 -22.88
C SER B 360 19.68 -11.17 -21.48
N THR B 361 19.10 -10.21 -20.73
CA THR B 361 19.59 -9.93 -19.39
C THR B 361 19.33 -11.04 -18.36
N VAL B 362 20.31 -11.23 -17.47
CA VAL B 362 20.20 -12.13 -16.33
C VAL B 362 20.85 -11.44 -15.12
N THR B 363 20.17 -11.53 -13.98
CA THR B 363 20.64 -10.93 -12.74
C THR B 363 21.38 -11.97 -11.90
N LEU B 364 22.65 -11.68 -11.63
CA LEU B 364 23.51 -12.55 -10.82
C LEU B 364 23.46 -12.15 -9.34
N PRO B 365 23.81 -13.09 -8.42
CA PRO B 365 23.74 -12.75 -7.00
C PRO B 365 24.60 -11.55 -6.59
N LEU B 366 23.99 -10.62 -5.87
CA LEU B 366 24.73 -9.51 -5.28
C LEU B 366 23.99 -9.01 -4.03
N PHE B 367 24.57 -9.26 -2.87
CA PHE B 367 23.99 -8.82 -1.60
C PHE B 367 25.08 -8.77 -0.55
N THR B 368 24.85 -8.03 0.53
CA THR B 368 25.94 -7.64 1.43
C THR B 368 26.59 -8.80 2.17
N GLN B 369 25.86 -9.89 2.38
CA GLN B 369 26.38 -11.07 3.08
C GLN B 369 27.14 -12.06 2.20
N MET B 370 27.23 -11.76 0.91
CA MET B 370 28.11 -12.51 0.00
C MET B 370 29.58 -12.38 0.31
N THR B 371 30.32 -13.44 0.00
CA THR B 371 31.77 -13.48 0.10
C THR B 371 32.40 -13.44 -1.31
N GLU B 372 33.71 -13.21 -1.35
CA GLU B 372 34.51 -13.36 -2.58
C GLU B 372 34.38 -14.78 -3.16
N GLY B 373 34.31 -15.77 -2.29
CA GLY B 373 34.10 -17.16 -2.71
C GLY B 373 32.78 -17.38 -3.44
N ASP B 374 31.72 -16.73 -2.95
CA ASP B 374 30.42 -16.78 -3.64
C ASP B 374 30.53 -16.18 -5.03
N VAL B 375 31.18 -15.03 -5.16
CA VAL B 375 31.38 -14.42 -6.47
C VAL B 375 32.09 -15.40 -7.39
N ARG B 376 33.15 -16.03 -6.91
CA ARG B 376 33.89 -16.95 -7.74
CA ARG B 376 33.90 -16.95 -7.76
C ARG B 376 33.06 -18.18 -8.12
N ARG B 377 32.21 -18.61 -7.20
CA ARG B 377 31.27 -19.73 -7.48
C ARG B 377 30.33 -19.36 -8.63
N VAL B 378 29.78 -18.16 -8.57
CA VAL B 378 28.86 -17.72 -9.61
C VAL B 378 29.56 -17.68 -10.96
N VAL B 379 30.75 -17.08 -11.01
CA VAL B 379 31.46 -16.91 -12.27
C VAL B 379 31.88 -18.27 -12.85
N ASP B 380 32.33 -19.18 -11.98
CA ASP B 380 32.64 -20.55 -12.38
C ASP B 380 31.44 -21.20 -13.10
N ALA B 381 30.24 -21.01 -12.53
CA ALA B 381 29.03 -21.58 -13.11
C ALA B 381 28.73 -20.96 -14.48
N VAL B 382 28.82 -19.63 -14.58
CA VAL B 382 28.56 -18.95 -15.86
C VAL B 382 29.58 -19.39 -16.92
N ASN B 383 30.85 -19.46 -16.54
CA ASN B 383 31.88 -19.92 -17.46
C ASN B 383 31.60 -21.35 -17.96
N GLN B 384 31.24 -22.23 -17.02
CA GLN B 384 31.00 -23.66 -17.31
C GLN B 384 29.86 -23.85 -18.31
N ILE B 385 28.79 -23.09 -18.10
CA ILE B 385 27.62 -23.17 -18.98
C ILE B 385 27.98 -22.65 -20.38
N CYS B 386 28.75 -21.57 -20.44
CA CYS B 386 29.18 -21.02 -21.73
C CYS B 386 30.12 -21.97 -22.46
N GLU B 387 30.93 -22.70 -21.70
CA GLU B 387 31.88 -23.65 -22.29
C GLU B 387 31.12 -24.84 -22.90
N GLN B 388 30.08 -25.28 -22.20
CA GLN B 388 29.29 -26.44 -22.60
C GLN B 388 28.40 -26.15 -23.79
N TYR B 389 27.67 -25.06 -23.69
CA TYR B 389 26.57 -24.78 -24.60
C TYR B 389 26.89 -23.66 -25.58
N GLY B 390 28.15 -23.23 -25.59
CA GLY B 390 28.61 -22.21 -26.53
C GLY B 390 28.70 -22.77 -27.95
N LYS B 391 28.43 -21.90 -28.92
CA LYS B 391 28.66 -22.25 -30.32
C LYS B 391 29.28 -21.06 -31.06
C1 CIT C . -7.53 3.16 6.19
O1 CIT C . -6.88 2.63 7.12
O2 CIT C . -7.08 4.10 5.54
C2 CIT C . -8.92 2.63 5.84
C3 CIT C . -9.04 1.12 6.15
O7 CIT C . -8.79 0.91 7.53
C4 CIT C . -10.44 0.59 5.85
C5 CIT C . -11.58 1.31 6.53
O3 CIT C . -12.40 1.90 5.80
O4 CIT C . -11.70 1.31 7.78
C6 CIT C . -8.06 0.31 5.32
O5 CIT C . -7.71 0.76 4.20
O6 CIT C . -7.69 -0.82 5.74
C1 EDO D . 0.23 3.18 -7.02
O1 EDO D . 0.71 3.76 -8.21
C2 EDO D . -0.38 1.83 -7.43
O2 EDO D . -1.04 1.33 -6.31
C1 EDO E . -15.49 1.14 6.92
O1 EDO E . -14.46 1.45 7.88
C2 EDO E . -15.95 2.39 6.20
O2 EDO E . -16.31 3.41 7.13
C1 EDO F . -36.12 -6.61 -2.73
O1 EDO F . -36.64 -5.87 -1.59
C2 EDO F . -36.75 -6.13 -4.04
O2 EDO F . -35.81 -5.36 -4.86
C1 EDO G . -6.82 -0.58 29.70
O1 EDO G . -7.22 -0.40 31.06
C2 EDO G . -5.40 -1.11 29.65
O2 EDO G . -4.96 -1.20 28.28
C1 GOL H . -9.61 4.93 9.05
O1 GOL H . -9.03 3.91 9.89
C2 GOL H . -11.05 5.20 9.48
O2 GOL H . -11.89 3.98 9.48
C3 GOL H . -10.96 5.84 10.86
O3 GOL H . -10.68 7.27 10.88
C1 CIT I . 10.66 -0.56 -8.00
O1 CIT I . 11.63 -1.33 -7.83
O2 CIT I . 10.34 -0.19 -9.15
C2 CIT I . 9.81 -0.08 -6.82
C3 CIT I . 9.17 -1.27 -6.20
O7 CIT I . 10.06 -2.02 -5.40
C4 CIT I . 8.18 -2.07 -6.94
C5 CIT I . 7.49 -3.20 -6.21
O3 CIT I . 8.06 -3.73 -5.24
O4 CIT I . 6.37 -3.56 -6.62
C6 CIT I . 8.31 -0.56 -5.09
O5 CIT I . 7.07 -0.28 -5.24
O6 CIT I . 8.80 -0.19 -3.94
C1 EDO J . 17.71 -11.35 7.10
O1 EDO J . 18.33 -12.15 6.05
C2 EDO J . 18.49 -11.47 8.39
O2 EDO J . 19.64 -10.60 8.38
C1 EDO K . -5.94 3.53 -3.07
O1 EDO K . -4.54 3.47 -3.04
C2 EDO K . -6.47 2.16 -3.52
O2 EDO K . -7.88 2.30 -3.72
C1 EDO L . 19.49 20.92 -24.01
O1 EDO L . 19.87 19.80 -24.83
C2 EDO L . 20.14 22.18 -24.54
O2 EDO L . 20.99 21.85 -25.66
C1 EDO M . 13.21 0.65 -10.69
O1 EDO M . 13.26 -0.55 -9.87
C2 EDO M . 12.38 0.44 -11.94
O2 EDO M . 12.92 -0.57 -12.77
C1 EDO N . 3.67 4.13 -29.92
O1 EDO N . 3.49 5.02 -31.01
C2 EDO N . 2.51 3.17 -29.88
O2 EDO N . 1.33 3.84 -29.44
C1 GOL O . 10.01 -5.70 -8.10
O1 GOL O . 10.71 -5.71 -6.83
C2 GOL O . 11.03 -5.54 -9.23
O2 GOL O . 11.84 -4.35 -9.07
C3 GOL O . 11.89 -6.80 -9.24
O3 GOL O . 11.27 -7.85 -10.01
#